data_3V8B
#
_entry.id   3V8B
#
_cell.length_a   114.787
_cell.length_b   143.916
_cell.length_c   66.710
_cell.angle_alpha   90.00
_cell.angle_beta   90.00
_cell.angle_gamma   90.00
#
_symmetry.space_group_name_H-M   'P 21 21 2'
#
loop_
_entity.id
_entity.type
_entity.pdbx_description
1 polymer 'Putative dehydrogenase, possibly 3-oxoacyl-[acyl-carrier protein] reductase'
2 water water
#
_entity_poly.entity_id   1
_entity_poly.type   'polypeptide(L)'
_entity_poly.pdbx_seq_one_letter_code
;(MSE)HHHHHHSSGVDLGTENLYFQS(MSE)(MSE)NQPSPVALITGAGSGIGRATALALAADGVTVGALGRTRTEVEEV
ADEIVGAGGQAIALEADVSDELQ(MSE)RNAVRDLVLKFGHLDIVVANAGINGVWAPIDDLKPFEWDETIAVNLRGTFLT
LHLTVPYLKQRGGGAIVVVSSINGTRTFTTPGATAYTATKAAQVAIVQQLALELGKHHIRVNAVCPGAIETNISDNTKLR
HEEETAIPVEWPKGQVPITDGQPGRSEDVAELIRFLVSERARHVTGSPVWIDGGQGLLR
;
_entity_poly.pdbx_strand_id   A,B,C,D
#
# COMPACT_ATOMS: atom_id res chain seq x y z
N PRO A 27 2.72 30.58 -22.57
CA PRO A 27 3.53 30.41 -23.78
C PRO A 27 3.06 29.21 -24.65
N SER A 28 3.98 28.27 -24.91
CA SER A 28 3.68 26.92 -25.44
C SER A 28 4.68 25.92 -24.85
N PRO A 29 4.22 25.04 -23.94
CA PRO A 29 5.21 24.20 -23.26
C PRO A 29 5.84 23.10 -24.12
N VAL A 30 7.02 22.64 -23.71
CA VAL A 30 7.73 21.60 -24.45
C VAL A 30 7.76 20.35 -23.63
N ALA A 31 7.34 19.26 -24.25
CA ALA A 31 7.31 17.94 -23.63
C ALA A 31 8.30 16.97 -24.26
N LEU A 32 8.90 16.16 -23.41
CA LEU A 32 9.67 15.04 -23.86
C LEU A 32 8.89 13.77 -23.52
N ILE A 33 8.51 12.99 -24.52
CA ILE A 33 7.88 11.73 -24.25
C ILE A 33 8.81 10.63 -24.76
N THR A 34 9.22 9.73 -23.87
CA THR A 34 10.01 8.58 -24.27
C THR A 34 9.06 7.40 -24.53
N GLY A 35 9.51 6.44 -25.33
CA GLY A 35 8.64 5.36 -25.85
C GLY A 35 7.48 5.89 -26.71
N ALA A 36 7.72 6.95 -27.48
CA ALA A 36 6.64 7.58 -28.20
C ALA A 36 6.40 6.87 -29.54
N GLY A 37 7.09 5.73 -29.74
CA GLY A 37 6.95 4.93 -30.95
C GLY A 37 5.52 4.45 -31.22
N SER A 38 4.93 3.72 -30.26
CA SER A 38 3.55 3.34 -30.37
C SER A 38 2.86 3.30 -29.03
N GLY A 39 1.79 2.50 -28.94
CA GLY A 39 0.98 2.38 -27.75
C GLY A 39 0.75 3.72 -27.06
N ILE A 40 1.01 3.70 -25.75
CA ILE A 40 0.71 4.79 -24.85
C ILE A 40 1.49 6.05 -25.17
N GLY A 41 2.76 5.89 -25.52
CA GLY A 41 3.59 7.04 -25.87
C GLY A 41 3.08 7.79 -27.10
N ARG A 42 2.71 7.06 -28.16
CA ARG A 42 2.21 7.71 -29.39
C ARG A 42 0.88 8.44 -29.14
N ALA A 43 -0.04 7.73 -28.50
CA ALA A 43 -1.31 8.29 -28.06
C ALA A 43 -1.07 9.56 -27.24
N THR A 44 -0.13 9.49 -26.30
CA THR A 44 0.17 10.63 -25.47
C THR A 44 0.68 11.83 -26.27
N ALA A 45 1.70 11.61 -27.09
CA ALA A 45 2.23 12.65 -27.96
C ALA A 45 1.11 13.39 -28.68
N LEU A 46 0.22 12.64 -29.33
CA LEU A 46 -0.96 13.22 -29.99
C LEU A 46 -1.93 13.94 -29.06
N ALA A 47 -2.21 13.34 -27.89
CA ALA A 47 -3.07 13.99 -26.89
C ALA A 47 -2.42 15.28 -26.42
N LEU A 48 -1.13 15.22 -26.11
CA LEU A 48 -0.41 16.41 -25.72
C LEU A 48 -0.42 17.44 -26.83
N ALA A 49 -0.14 17.02 -28.06
CA ALA A 49 -0.09 17.97 -29.18
C ALA A 49 -1.42 18.69 -29.40
N ALA A 50 -2.52 17.95 -29.18
CA ALA A 50 -3.88 18.47 -29.34
C ALA A 50 -4.19 19.66 -28.40
N ASP A 51 -3.54 19.72 -27.22
CA ASP A 51 -3.65 20.89 -26.32
C ASP A 51 -2.63 21.94 -26.69
N GLY A 52 -1.99 21.82 -27.85
CA GLY A 52 -0.95 22.75 -28.26
C GLY A 52 0.36 22.63 -27.49
N VAL A 53 0.80 21.41 -27.20
CA VAL A 53 2.10 21.22 -26.55
C VAL A 53 3.11 20.81 -27.60
N THR A 54 4.30 21.41 -27.56
CA THR A 54 5.38 21.03 -28.47
C THR A 54 6.00 19.73 -27.99
N VAL A 55 6.26 18.80 -28.90
CA VAL A 55 6.66 17.43 -28.53
C VAL A 55 7.95 16.88 -29.13
N GLY A 56 8.88 16.56 -28.24
CA GLY A 56 9.98 15.74 -28.61
C GLY A 56 9.58 14.30 -28.44
N ALA A 57 9.21 13.66 -29.54
CA ALA A 57 8.86 12.24 -29.51
C ALA A 57 10.13 11.41 -29.63
N LEU A 58 10.46 10.66 -28.58
CA LEU A 58 11.69 9.87 -28.52
C LEU A 58 11.43 8.34 -28.46
N GLY A 59 12.17 7.59 -29.27
CA GLY A 59 12.11 6.14 -29.33
C GLY A 59 13.41 5.54 -29.82
N ARG A 60 13.49 4.20 -29.82
CA ARG A 60 14.65 3.45 -30.30
C ARG A 60 14.81 3.48 -31.80
N THR A 61 13.70 3.38 -32.51
CA THR A 61 13.73 3.26 -33.95
C THR A 61 13.32 4.60 -34.54
N ARG A 62 14.28 5.30 -35.14
CA ARG A 62 14.01 6.58 -35.80
C ARG A 62 12.63 6.61 -36.52
N THR A 63 12.36 5.66 -37.41
CA THR A 63 11.16 5.78 -38.27
C THR A 63 9.83 5.79 -37.51
N GLU A 64 9.72 5.03 -36.42
CA GLU A 64 8.48 5.04 -35.66
C GLU A 64 8.19 6.45 -35.16
N VAL A 65 9.21 7.11 -34.59
CA VAL A 65 8.99 8.47 -34.09
C VAL A 65 8.98 9.55 -35.17
N GLU A 66 9.37 9.20 -36.40
CA GLU A 66 9.27 10.11 -37.55
C GLU A 66 7.82 10.32 -37.92
N GLU A 67 7.07 9.23 -38.06
CA GLU A 67 5.66 9.37 -38.40
C GLU A 67 4.78 9.96 -37.28
N VAL A 68 5.14 9.80 -36.00
CA VAL A 68 4.37 10.53 -34.97
C VAL A 68 4.73 12.02 -34.99
N ALA A 69 6.01 12.33 -35.19
CA ALA A 69 6.35 13.75 -35.32
C ALA A 69 5.66 14.33 -36.55
N ASP A 70 5.95 13.74 -37.71
CA ASP A 70 5.42 14.22 -38.97
C ASP A 70 3.91 14.36 -38.96
N GLU A 71 3.19 13.52 -38.20
CA GLU A 71 1.73 13.60 -38.09
C GLU A 71 1.26 14.84 -37.34
N ILE A 72 1.97 15.16 -36.26
CA ILE A 72 1.67 16.32 -35.44
C ILE A 72 1.95 17.54 -36.31
N VAL A 73 3.17 17.66 -36.82
CA VAL A 73 3.48 18.74 -37.79
C VAL A 73 2.44 18.58 -38.91
N GLY A 74 1.93 19.68 -39.44
CA GLY A 74 0.92 19.55 -40.51
C GLY A 74 -0.31 18.84 -39.98
N ALA A 75 -0.67 19.23 -38.77
CA ALA A 75 -2.00 19.11 -38.20
C ALA A 75 -1.90 20.30 -37.25
N GLY A 76 -0.88 21.12 -37.50
CA GLY A 76 -0.66 22.38 -36.79
C GLY A 76 0.42 22.36 -35.73
N GLY A 77 0.75 21.17 -35.23
CA GLY A 77 1.63 21.02 -34.08
C GLY A 77 3.08 21.45 -34.29
N GLN A 78 3.90 21.17 -33.28
CA GLN A 78 5.33 21.25 -33.35
C GLN A 78 5.87 19.99 -32.69
N ALA A 79 6.69 19.24 -33.41
CA ALA A 79 7.25 18.00 -32.91
C ALA A 79 8.61 17.84 -33.51
N ILE A 80 9.42 16.99 -32.89
CA ILE A 80 10.61 16.49 -33.50
C ILE A 80 10.81 15.09 -33.01
N ALA A 81 11.43 14.28 -33.87
CA ALA A 81 11.69 12.86 -33.64
C ALA A 81 13.07 12.71 -33.07
N LEU A 82 13.17 11.99 -31.97
CA LEU A 82 14.42 11.81 -31.28
C LEU A 82 14.73 10.31 -31.19
N GLU A 83 15.83 9.90 -31.81
CA GLU A 83 16.21 8.50 -31.83
C GLU A 83 17.15 8.31 -30.68
N ALA A 84 16.81 7.45 -29.74
CA ALA A 84 17.77 7.09 -28.67
C ALA A 84 17.38 5.84 -27.89
N ASP A 85 18.39 5.14 -27.41
CA ASP A 85 18.25 4.01 -26.54
C ASP A 85 18.29 4.58 -25.12
N VAL A 86 17.20 4.38 -24.40
CA VAL A 86 16.99 5.01 -23.13
C VAL A 86 17.99 4.51 -22.07
N SER A 87 18.61 3.35 -22.25
CA SER A 87 19.65 2.88 -21.33
C SER A 87 21.09 3.47 -21.58
N ASP A 88 21.23 4.23 -22.67
CA ASP A 88 22.52 4.78 -23.07
C ASP A 88 22.66 6.26 -22.68
N GLU A 89 23.62 6.54 -21.80
CA GLU A 89 23.83 7.91 -21.34
C GLU A 89 24.07 8.91 -22.46
N LEU A 90 25.00 8.59 -23.35
CA LEU A 90 25.34 9.59 -24.38
C LEU A 90 24.20 9.91 -25.37
N GLN A 91 23.50 8.88 -25.84
CA GLN A 91 22.36 9.13 -26.77
C GLN A 91 21.27 9.94 -26.09
N MSE A 92 20.87 9.50 -24.89
CA MSE A 92 19.87 10.21 -24.09
C MSE A 92 20.27 11.66 -23.86
O MSE A 92 19.48 12.59 -24.13
CB MSE A 92 19.65 9.47 -22.76
CG MSE A 92 18.62 8.35 -22.83
SE MSE A 92 17.00 9.01 -23.70
CE MSE A 92 16.15 10.00 -22.21
N ARG A 93 21.52 11.87 -23.41
CA ARG A 93 21.97 13.22 -23.18
C ARG A 93 21.84 14.11 -24.45
N ASN A 94 22.23 13.55 -25.59
CA ASN A 94 22.18 14.26 -26.86
C ASN A 94 20.76 14.55 -27.30
N ALA A 95 19.87 13.55 -27.15
CA ALA A 95 18.47 13.71 -27.55
C ALA A 95 17.81 14.80 -26.72
N VAL A 96 17.91 14.65 -25.40
CA VAL A 96 17.45 15.70 -24.50
C VAL A 96 18.05 17.04 -24.93
N ARG A 97 19.39 17.12 -25.02
CA ARG A 97 20.02 18.39 -25.48
C ARG A 97 19.49 18.99 -26.80
N ASP A 98 19.28 18.12 -27.79
CA ASP A 98 18.74 18.56 -29.09
C ASP A 98 17.41 19.27 -28.94
N LEU A 99 16.57 18.70 -28.09
CA LEU A 99 15.21 19.17 -27.91
C LEU A 99 15.24 20.56 -27.28
N VAL A 100 16.05 20.71 -26.24
CA VAL A 100 16.25 22.04 -25.69
C VAL A 100 16.86 23.00 -26.72
N LEU A 101 17.89 22.58 -27.46
CA LEU A 101 18.42 23.45 -28.53
C LEU A 101 17.34 23.88 -29.54
N LYS A 102 16.44 22.96 -29.93
CA LYS A 102 15.39 23.28 -30.91
C LYS A 102 14.28 24.24 -30.45
N PHE A 103 13.76 24.02 -29.26
CA PHE A 103 12.66 24.82 -28.76
C PHE A 103 12.99 25.67 -27.55
N GLY A 104 14.20 25.49 -26.98
CA GLY A 104 14.71 26.43 -25.99
C GLY A 104 14.50 26.12 -24.51
N HIS A 105 13.55 25.24 -24.22
CA HIS A 105 13.21 24.88 -22.85
C HIS A 105 12.54 23.54 -22.80
N LEU A 106 12.38 23.01 -21.59
CA LEU A 106 11.63 21.77 -21.38
C LEU A 106 10.68 21.93 -20.19
N ASP A 107 9.43 21.54 -20.37
CA ASP A 107 8.39 21.76 -19.36
C ASP A 107 7.72 20.50 -18.88
N ILE A 108 7.55 19.53 -19.78
CA ILE A 108 6.80 18.31 -19.46
C ILE A 108 7.67 17.13 -19.79
N VAL A 109 7.57 16.05 -19.02
CA VAL A 109 8.34 14.85 -19.28
C VAL A 109 7.47 13.65 -19.00
N VAL A 110 7.35 12.75 -19.99
CA VAL A 110 6.57 11.54 -19.86
C VAL A 110 7.51 10.39 -20.11
N ALA A 111 8.08 9.86 -19.02
CA ALA A 111 9.02 8.75 -19.12
C ALA A 111 8.23 7.47 -19.30
N ASN A 112 8.22 6.97 -20.52
CA ASN A 112 7.33 5.88 -20.84
C ASN A 112 7.99 4.65 -21.51
N ALA A 113 9.23 4.81 -21.97
CA ALA A 113 9.96 3.74 -22.62
C ALA A 113 10.11 2.58 -21.68
N GLY A 114 9.97 1.37 -22.18
CA GLY A 114 10.07 0.21 -21.33
C GLY A 114 9.93 -0.98 -22.22
N ILE A 115 10.40 -2.12 -21.77
CA ILE A 115 10.22 -3.36 -22.50
C ILE A 115 9.83 -4.45 -21.50
N ASN A 116 8.99 -5.39 -21.92
CA ASN A 116 8.63 -6.53 -21.09
C ASN A 116 9.80 -7.45 -20.73
N GLY A 117 10.76 -7.57 -21.66
CA GLY A 117 11.90 -8.46 -21.48
C GLY A 117 11.46 -9.91 -21.38
N VAL A 118 12.33 -10.74 -20.83
CA VAL A 118 12.16 -12.19 -20.77
C VAL A 118 11.42 -12.50 -19.49
N TRP A 119 10.33 -13.24 -19.57
CA TRP A 119 9.73 -13.80 -18.34
C TRP A 119 9.99 -15.27 -18.28
N ALA A 120 10.54 -15.73 -17.15
CA ALA A 120 11.00 -17.11 -17.02
C ALA A 120 11.11 -17.49 -15.54
N PRO A 121 11.12 -18.81 -15.23
CA PRO A 121 11.30 -19.17 -13.81
C PRO A 121 12.53 -18.47 -13.30
N ILE A 122 12.53 -18.16 -12.00
CA ILE A 122 13.62 -17.34 -11.44
C ILE A 122 15.01 -17.90 -11.76
N ASP A 123 15.14 -19.22 -11.62
CA ASP A 123 16.35 -19.99 -11.93
C ASP A 123 16.56 -20.23 -13.44
N ASP A 124 15.56 -19.99 -14.28
CA ASP A 124 15.77 -20.11 -15.71
C ASP A 124 16.28 -18.79 -16.29
N LEU A 125 15.89 -17.69 -15.64
CA LEU A 125 16.19 -16.35 -16.14
C LEU A 125 17.67 -16.09 -16.07
N LYS A 126 18.27 -15.82 -17.22
CA LYS A 126 19.71 -15.63 -17.35
C LYS A 126 20.14 -14.26 -16.83
N PRO A 127 21.27 -14.19 -16.14
CA PRO A 127 21.74 -12.91 -15.65
C PRO A 127 21.72 -11.83 -16.71
N PHE A 128 22.19 -12.13 -17.92
CA PHE A 128 22.29 -11.09 -18.97
C PHE A 128 20.90 -10.55 -19.31
N GLU A 129 19.90 -11.42 -19.26
CA GLU A 129 18.57 -10.98 -19.70
C GLU A 129 17.80 -10.29 -18.57
N TRP A 130 18.15 -10.67 -17.33
CA TRP A 130 17.89 -9.81 -16.17
C TRP A 130 18.50 -8.45 -16.35
N ASP A 131 19.77 -8.38 -16.70
CA ASP A 131 20.42 -7.09 -16.88
C ASP A 131 19.73 -6.21 -17.91
N GLU A 132 19.19 -6.83 -18.97
CA GLU A 132 18.55 -6.15 -20.10
C GLU A 132 17.31 -5.37 -19.67
N THR A 133 16.49 -6.02 -18.83
CA THR A 133 15.25 -5.46 -18.32
C THR A 133 15.52 -4.27 -17.40
N ILE A 134 16.44 -4.47 -16.45
CA ILE A 134 16.87 -3.38 -15.56
C ILE A 134 17.46 -2.21 -16.35
N ALA A 135 18.37 -2.49 -17.27
CA ALA A 135 19.01 -1.41 -18.03
C ALA A 135 17.95 -0.56 -18.70
N VAL A 136 17.05 -1.18 -19.44
CA VAL A 136 16.04 -0.42 -20.19
C VAL A 136 14.97 0.15 -19.24
N ASN A 137 14.45 -0.68 -18.35
CA ASN A 137 13.37 -0.17 -17.53
C ASN A 137 13.83 0.73 -16.41
N LEU A 138 14.90 0.33 -15.71
CA LEU A 138 15.34 1.07 -14.54
C LEU A 138 16.38 2.13 -14.82
N ARG A 139 17.51 1.72 -15.38
CA ARG A 139 18.54 2.68 -15.74
C ARG A 139 17.94 3.72 -16.70
N GLY A 140 16.96 3.30 -17.47
CA GLY A 140 16.41 4.22 -18.47
C GLY A 140 15.53 5.26 -17.83
N THR A 141 15.02 4.94 -16.65
CA THR A 141 14.18 5.84 -15.91
C THR A 141 15.07 6.83 -15.20
N PHE A 142 16.10 6.33 -14.53
CA PHE A 142 17.09 7.21 -13.92
C PHE A 142 17.63 8.18 -14.96
N LEU A 143 18.00 7.68 -16.13
CA LEU A 143 18.65 8.53 -17.12
C LEU A 143 17.69 9.56 -17.63
N THR A 144 16.50 9.09 -17.98
CA THR A 144 15.47 10.00 -18.38
C THR A 144 15.32 11.12 -17.37
N LEU A 145 15.24 10.81 -16.07
CA LEU A 145 15.01 11.88 -15.09
C LEU A 145 16.23 12.77 -14.83
N HIS A 146 17.37 12.12 -14.65
CA HIS A 146 18.62 12.80 -14.40
C HIS A 146 18.96 13.88 -15.41
N LEU A 147 18.66 13.62 -16.68
CA LEU A 147 18.93 14.54 -17.76
C LEU A 147 17.87 15.62 -17.95
N THR A 148 16.63 15.31 -17.61
CA THR A 148 15.53 16.25 -17.88
C THR A 148 15.32 17.22 -16.74
N VAL A 149 15.39 16.71 -15.53
CA VAL A 149 15.29 17.52 -14.33
C VAL A 149 16.06 18.87 -14.28
N PRO A 150 17.33 18.91 -14.73
CA PRO A 150 17.97 20.22 -14.70
C PRO A 150 17.23 21.25 -15.54
N TYR A 151 16.56 20.80 -16.59
CA TYR A 151 15.86 21.73 -17.53
C TYR A 151 14.55 22.24 -16.97
N LEU A 152 13.87 21.36 -16.27
CA LEU A 152 12.68 21.71 -15.53
C LEU A 152 13.02 22.72 -14.43
N LYS A 153 14.06 22.43 -13.65
CA LYS A 153 14.52 23.39 -12.62
C LYS A 153 14.75 24.72 -13.27
N GLN A 154 15.61 24.73 -14.29
CA GLN A 154 16.03 25.93 -15.01
C GLN A 154 14.84 26.71 -15.48
N ARG A 155 13.84 26.00 -15.96
CA ARG A 155 12.64 26.62 -16.50
C ARG A 155 11.74 27.14 -15.38
N GLY A 156 12.03 26.74 -14.13
CA GLY A 156 11.29 27.23 -12.95
C GLY A 156 10.08 26.40 -12.52
N GLY A 157 9.94 25.21 -13.08
CA GLY A 157 8.83 24.34 -12.73
C GLY A 157 8.57 23.33 -13.82
N GLY A 158 7.61 22.45 -13.61
CA GLY A 158 7.17 21.54 -14.65
C GLY A 158 6.48 20.33 -14.06
N ALA A 159 6.23 19.34 -14.91
CA ALA A 159 5.39 18.18 -14.60
C ALA A 159 5.98 16.91 -15.22
N ILE A 160 6.09 15.86 -14.42
CA ILE A 160 6.63 14.60 -14.84
C ILE A 160 5.59 13.50 -14.58
N VAL A 161 5.53 12.52 -15.48
CA VAL A 161 4.83 11.27 -15.22
C VAL A 161 5.59 10.06 -15.77
N VAL A 162 5.84 9.12 -14.87
CA VAL A 162 6.45 7.85 -15.20
C VAL A 162 5.35 6.84 -15.36
N VAL A 163 5.36 6.14 -16.50
CA VAL A 163 4.36 5.11 -16.74
C VAL A 163 4.96 3.80 -16.22
N SER A 164 4.38 3.35 -15.11
CA SER A 164 4.74 2.10 -14.46
C SER A 164 3.67 1.13 -14.92
N SER A 165 3.21 0.26 -14.03
CA SER A 165 2.22 -0.75 -14.41
C SER A 165 1.55 -1.27 -13.14
N ILE A 166 0.39 -1.96 -13.29
CA ILE A 166 -0.21 -2.74 -12.19
C ILE A 166 0.75 -3.83 -11.64
N ASN A 167 1.63 -4.35 -12.49
CA ASN A 167 2.69 -5.25 -12.03
C ASN A 167 3.64 -4.55 -11.08
N GLY A 168 3.98 -5.21 -9.98
CA GLY A 168 4.82 -4.64 -8.96
C GLY A 168 4.13 -3.70 -7.98
N THR A 169 2.98 -3.14 -8.35
CA THR A 169 2.21 -2.28 -7.46
C THR A 169 0.98 -3.01 -6.89
N ARG A 170 0.15 -3.58 -7.77
CA ARG A 170 -1.01 -4.43 -7.35
C ARG A 170 -0.95 -5.89 -7.79
N THR A 171 -0.34 -6.16 -8.94
CA THR A 171 -0.35 -7.49 -9.51
C THR A 171 1.01 -8.12 -9.47
N PHE A 172 1.04 -9.40 -9.06
CA PHE A 172 2.27 -10.15 -8.94
C PHE A 172 2.18 -11.55 -9.56
N THR A 173 1.20 -11.79 -10.43
CA THR A 173 0.94 -13.13 -10.95
C THR A 173 1.39 -13.30 -12.38
N THR A 174 1.82 -12.21 -13.02
CA THR A 174 2.24 -12.30 -14.40
C THR A 174 3.45 -13.22 -14.51
N PRO A 175 3.29 -14.30 -15.32
CA PRO A 175 4.10 -15.52 -15.26
C PRO A 175 5.58 -15.25 -15.40
N GLY A 176 6.30 -15.46 -14.29
CA GLY A 176 7.74 -15.32 -14.22
C GLY A 176 8.23 -13.98 -14.67
N ALA A 177 7.40 -12.94 -14.48
CA ALA A 177 7.72 -11.57 -14.89
C ALA A 177 8.57 -10.79 -13.84
N THR A 178 9.25 -11.53 -12.97
CA THR A 178 9.99 -10.93 -11.88
C THR A 178 10.80 -9.71 -12.26
N ALA A 179 11.71 -9.84 -13.23
CA ALA A 179 12.54 -8.70 -13.58
C ALA A 179 11.68 -7.49 -13.93
N TYR A 180 10.72 -7.66 -14.86
CA TYR A 180 9.82 -6.55 -15.22
C TYR A 180 9.16 -5.95 -13.99
N THR A 181 8.48 -6.80 -13.25
CA THR A 181 7.78 -6.44 -12.05
C THR A 181 8.65 -5.60 -11.09
N ALA A 182 9.88 -6.04 -10.92
CA ALA A 182 10.87 -5.38 -10.07
C ALA A 182 11.07 -3.93 -10.51
N THR A 183 11.29 -3.73 -11.81
CA THR A 183 11.56 -2.38 -12.32
C THR A 183 10.34 -1.45 -12.20
N LYS A 184 9.14 -1.99 -12.41
CA LYS A 184 7.90 -1.20 -12.26
C LYS A 184 7.67 -0.72 -10.82
N ALA A 185 7.88 -1.62 -9.86
CA ALA A 185 7.81 -1.24 -8.46
C ALA A 185 8.85 -0.21 -8.04
N ALA A 186 10.05 -0.24 -8.63
CA ALA A 186 11.06 0.77 -8.38
C ALA A 186 10.61 2.13 -8.91
N GLN A 187 9.93 2.11 -10.05
CA GLN A 187 9.50 3.34 -10.70
C GLN A 187 8.58 4.20 -9.82
N VAL A 188 7.59 3.55 -9.21
CA VAL A 188 6.68 4.21 -8.27
C VAL A 188 7.38 4.64 -6.98
N ALA A 189 8.42 3.91 -6.57
CA ALA A 189 9.15 4.40 -5.41
C ALA A 189 9.95 5.68 -5.75
N ILE A 190 10.65 5.68 -6.88
CA ILE A 190 11.34 6.87 -7.39
C ILE A 190 10.44 8.10 -7.50
N VAL A 191 9.20 7.90 -7.95
CA VAL A 191 8.24 8.99 -8.17
C VAL A 191 7.96 9.67 -6.83
N GLN A 192 7.76 8.86 -5.80
CA GLN A 192 7.53 9.42 -4.47
C GLN A 192 8.78 10.09 -3.88
N GLN A 193 9.98 9.49 -3.93
CA GLN A 193 11.19 10.22 -3.48
C GLN A 193 11.21 11.54 -4.21
N LEU A 194 11.00 11.48 -5.53
CA LEU A 194 11.28 12.64 -6.30
C LEU A 194 10.20 13.71 -6.18
N ALA A 195 9.00 13.30 -5.76
CA ALA A 195 7.94 14.28 -5.49
C ALA A 195 8.35 15.18 -4.33
N LEU A 196 8.94 14.56 -3.32
CA LEU A 196 9.44 15.26 -2.17
C LEU A 196 10.68 16.11 -2.53
N GLU A 197 11.67 15.49 -3.17
CA GLU A 197 12.90 16.18 -3.50
C GLU A 197 12.65 17.41 -4.41
N LEU A 198 11.63 17.35 -5.28
CA LEU A 198 11.44 18.41 -6.27
C LEU A 198 10.23 19.32 -6.06
N GLY A 199 9.59 19.20 -4.90
CA GLY A 199 8.45 20.05 -4.61
C GLY A 199 8.86 21.49 -4.53
N LYS A 200 9.94 21.76 -3.80
CA LYS A 200 10.37 23.11 -3.62
C LYS A 200 10.79 23.76 -4.94
N HIS A 201 11.08 22.94 -5.95
CA HIS A 201 11.48 23.43 -7.25
C HIS A 201 10.33 23.56 -8.18
N HIS A 202 9.14 23.31 -7.64
CA HIS A 202 7.89 23.34 -8.38
C HIS A 202 7.81 22.34 -9.46
N ILE A 203 8.28 21.11 -9.21
CA ILE A 203 8.15 20.03 -10.20
C ILE A 203 7.26 18.90 -9.65
N ARG A 204 6.18 18.62 -10.34
CA ARG A 204 5.25 17.57 -9.91
C ARG A 204 5.69 16.24 -10.54
N VAL A 205 5.63 15.16 -9.79
CA VAL A 205 6.02 13.89 -10.32
C VAL A 205 5.04 12.85 -9.86
N ASN A 206 4.24 12.36 -10.80
CA ASN A 206 3.29 11.30 -10.55
C ASN A 206 3.53 10.06 -11.44
N ALA A 207 3.00 8.92 -10.99
CA ALA A 207 3.18 7.64 -11.65
C ALA A 207 1.84 7.17 -12.18
N VAL A 208 1.80 6.76 -13.43
CA VAL A 208 0.59 6.14 -13.93
C VAL A 208 0.84 4.64 -14.08
N CYS A 209 -0.08 3.81 -13.56
CA CYS A 209 0.03 2.35 -13.66
C CYS A 209 -1.14 1.68 -14.43
N PRO A 210 -1.00 1.49 -15.75
CA PRO A 210 -2.11 0.88 -16.44
C PRO A 210 -2.12 -0.64 -16.22
N GLY A 211 -3.24 -1.28 -16.46
CA GLY A 211 -3.23 -2.74 -16.52
C GLY A 211 -2.84 -3.17 -17.93
N ALA A 212 -3.50 -4.19 -18.46
CA ALA A 212 -3.41 -4.50 -19.88
C ALA A 212 -3.95 -3.35 -20.73
N ILE A 213 -3.19 -3.00 -21.77
CA ILE A 213 -3.56 -1.98 -22.75
C ILE A 213 -3.24 -2.48 -24.14
N GLU A 214 -4.21 -2.44 -25.05
CA GLU A 214 -4.01 -2.94 -26.44
C GLU A 214 -3.85 -4.46 -26.54
N THR A 215 -2.96 -5.03 -25.71
CA THR A 215 -2.72 -6.49 -25.69
C THR A 215 -3.09 -7.04 -24.36
N ASN A 216 -3.36 -8.34 -24.30
CA ASN A 216 -3.64 -8.99 -23.02
C ASN A 216 -2.47 -8.89 -22.04
N ILE A 217 -2.80 -9.01 -20.74
CA ILE A 217 -1.81 -8.94 -19.66
C ILE A 217 -0.60 -9.81 -19.91
N SER A 218 -0.81 -10.93 -20.60
CA SER A 218 0.19 -11.98 -20.64
C SER A 218 0.86 -12.24 -22.02
N ASP A 219 0.60 -11.39 -23.00
CA ASP A 219 1.18 -11.57 -24.35
C ASP A 219 2.61 -11.07 -24.37
N ASN A 220 3.53 -12.00 -24.37
CA ASN A 220 4.94 -11.67 -24.49
C ASN A 220 5.68 -12.79 -25.22
N THR A 221 6.09 -12.55 -26.45
CA THR A 221 6.74 -13.61 -27.23
C THR A 221 7.98 -14.18 -26.53
N LYS A 222 8.65 -13.36 -25.71
CA LYS A 222 9.81 -13.79 -24.91
C LYS A 222 9.45 -14.43 -23.55
N LEU A 223 8.15 -14.66 -23.34
CA LEU A 223 7.64 -15.50 -22.24
C LEU A 223 8.09 -16.94 -22.43
N ARG A 224 8.31 -17.65 -21.35
CA ARG A 224 9.11 -18.88 -21.39
C ARG A 224 8.77 -19.76 -20.17
N HIS A 225 8.20 -20.95 -20.41
CA HIS A 225 7.83 -21.90 -19.34
C HIS A 225 6.69 -21.39 -18.48
N GLU A 226 5.77 -20.71 -19.13
CA GLU A 226 4.62 -20.10 -18.49
C GLU A 226 3.80 -21.07 -17.64
N GLU A 227 3.78 -22.33 -18.07
CA GLU A 227 3.05 -23.34 -17.30
C GLU A 227 3.72 -23.61 -15.94
N GLU A 228 5.05 -23.52 -15.90
CA GLU A 228 5.79 -23.70 -14.64
C GLU A 228 5.66 -22.50 -13.68
N THR A 229 5.31 -21.32 -14.20
CA THR A 229 5.31 -20.14 -13.33
C THR A 229 3.93 -19.61 -12.94
N ALA A 230 2.91 -19.81 -13.80
CA ALA A 230 1.56 -19.35 -13.50
C ALA A 230 0.93 -20.19 -12.40
N ILE A 231 0.15 -19.53 -11.57
CA ILE A 231 -0.82 -20.23 -10.77
C ILE A 231 -1.94 -20.37 -11.81
N PRO A 232 -2.36 -21.61 -12.12
CA PRO A 232 -3.42 -21.70 -13.14
C PRO A 232 -4.72 -21.03 -12.64
N VAL A 233 -5.40 -20.34 -13.57
CA VAL A 233 -6.55 -19.51 -13.22
C VAL A 233 -7.45 -19.35 -14.45
N GLU A 234 -8.77 -19.33 -14.26
CA GLU A 234 -9.74 -19.16 -15.36
C GLU A 234 -10.79 -18.13 -15.01
N TRP A 235 -11.07 -17.21 -15.92
CA TRP A 235 -12.04 -16.12 -15.70
C TRP A 235 -13.15 -16.19 -16.70
N PRO A 236 -14.23 -16.93 -16.37
CA PRO A 236 -15.32 -17.12 -17.31
C PRO A 236 -15.91 -15.82 -17.82
N LYS A 237 -15.90 -14.79 -16.99
CA LYS A 237 -16.47 -13.53 -17.42
C LYS A 237 -15.41 -12.49 -17.66
N GLY A 238 -14.16 -12.94 -17.79
CA GLY A 238 -13.03 -12.05 -18.06
C GLY A 238 -12.51 -11.37 -16.79
N GLN A 239 -11.30 -10.82 -16.90
CA GLN A 239 -10.62 -10.23 -15.76
C GLN A 239 -10.33 -8.73 -15.92
N VAL A 240 -11.21 -8.02 -16.62
CA VAL A 240 -11.18 -6.53 -16.57
C VAL A 240 -12.59 -5.94 -16.60
N PRO A 241 -13.19 -5.79 -15.40
CA PRO A 241 -14.60 -5.49 -15.13
C PRO A 241 -15.24 -4.40 -15.96
N ILE A 242 -14.60 -3.25 -16.07
CA ILE A 242 -15.28 -2.10 -16.63
C ILE A 242 -15.51 -2.27 -18.13
N THR A 243 -14.78 -3.20 -18.75
CA THR A 243 -14.87 -3.39 -20.20
C THR A 243 -15.27 -4.84 -20.61
N ASP A 244 -15.87 -5.58 -19.68
CA ASP A 244 -16.34 -6.92 -20.02
C ASP A 244 -15.17 -7.77 -20.52
N GLY A 245 -14.04 -7.68 -19.82
CA GLY A 245 -12.85 -8.47 -20.17
C GLY A 245 -11.85 -7.91 -21.17
N GLN A 246 -12.18 -6.83 -21.88
CA GLN A 246 -11.24 -6.29 -22.87
C GLN A 246 -10.14 -5.39 -22.27
N PRO A 247 -8.91 -5.38 -22.85
CA PRO A 247 -7.91 -4.45 -22.34
C PRO A 247 -8.21 -2.99 -22.76
N GLY A 248 -7.79 -2.03 -21.95
CA GLY A 248 -8.01 -0.61 -22.27
C GLY A 248 -7.24 -0.12 -23.48
N ARG A 249 -7.60 1.07 -23.97
CA ARG A 249 -6.99 1.72 -25.13
C ARG A 249 -5.82 2.63 -24.71
N SER A 250 -4.88 2.88 -25.62
CA SER A 250 -3.79 3.80 -25.37
C SER A 250 -4.33 5.17 -25.07
N GLU A 251 -5.37 5.56 -25.81
CA GLU A 251 -6.00 6.87 -25.69
C GLU A 251 -6.50 7.12 -24.26
N ASP A 252 -6.85 6.03 -23.57
CA ASP A 252 -7.25 6.05 -22.16
C ASP A 252 -6.11 6.55 -21.28
N VAL A 253 -4.98 5.83 -21.31
CA VAL A 253 -3.79 6.22 -20.61
C VAL A 253 -3.35 7.64 -20.99
N ALA A 254 -3.23 7.91 -22.30
CA ALA A 254 -2.90 9.28 -22.76
C ALA A 254 -3.76 10.31 -22.05
N GLU A 255 -5.05 10.03 -21.89
CA GLU A 255 -5.96 10.98 -21.28
C GLU A 255 -5.59 11.29 -19.83
N LEU A 256 -5.31 10.23 -19.08
CA LEU A 256 -4.81 10.40 -17.75
C LEU A 256 -3.53 11.21 -17.79
N ILE A 257 -2.51 10.74 -18.51
CA ILE A 257 -1.28 11.52 -18.63
C ILE A 257 -1.51 13.01 -18.96
N ARG A 258 -2.36 13.28 -19.95
CA ARG A 258 -2.72 14.66 -20.32
C ARG A 258 -3.24 15.46 -19.13
N PHE A 259 -4.13 14.83 -18.34
CA PHE A 259 -4.67 15.50 -17.15
C PHE A 259 -3.57 15.82 -16.14
N LEU A 260 -2.72 14.83 -15.89
CA LEU A 260 -1.71 14.89 -14.86
C LEU A 260 -0.59 15.86 -15.18
N VAL A 261 -0.38 16.15 -16.46
CA VAL A 261 0.69 17.10 -16.83
C VAL A 261 0.18 18.53 -16.99
N SER A 262 -1.12 18.72 -16.83
CA SER A 262 -1.69 20.03 -17.02
C SER A 262 -1.87 20.77 -15.71
N GLU A 263 -2.38 21.99 -15.83
CA GLU A 263 -2.60 22.86 -14.71
C GLU A 263 -3.89 22.50 -13.98
N ARG A 264 -4.69 21.59 -14.51
CA ARG A 264 -5.85 21.11 -13.76
C ARG A 264 -5.40 20.20 -12.60
N ALA A 265 -4.11 19.87 -12.61
CA ALA A 265 -3.53 19.07 -11.57
C ALA A 265 -2.45 19.78 -10.71
N ARG A 266 -2.46 21.12 -10.68
CA ARG A 266 -1.50 21.90 -9.85
C ARG A 266 -1.12 21.34 -8.45
N HIS A 267 -2.08 20.75 -7.72
CA HIS A 267 -1.84 20.15 -6.38
C HIS A 267 -1.59 18.65 -6.31
N VAL A 268 -1.57 17.94 -7.44
CA VAL A 268 -1.32 16.52 -7.44
C VAL A 268 0.13 16.28 -7.79
N THR A 269 0.82 15.55 -6.90
CA THR A 269 2.23 15.20 -7.05
C THR A 269 2.53 14.08 -6.05
N GLY A 270 3.37 13.15 -6.44
CA GLY A 270 3.71 12.08 -5.56
C GLY A 270 2.73 10.93 -5.54
N SER A 271 1.80 10.91 -6.50
CA SER A 271 0.71 9.96 -6.44
C SER A 271 0.80 8.90 -7.51
N PRO A 272 0.51 7.62 -7.17
CA PRO A 272 0.21 6.68 -8.25
C PRO A 272 -1.22 6.93 -8.74
N VAL A 273 -1.57 6.47 -9.94
CA VAL A 273 -2.96 6.37 -10.32
C VAL A 273 -3.10 5.11 -11.11
N TRP A 274 -4.06 4.26 -10.75
CA TRP A 274 -4.22 3.03 -11.51
C TRP A 274 -5.26 3.20 -12.58
N ILE A 275 -4.91 2.84 -13.81
CA ILE A 275 -5.84 2.81 -14.92
C ILE A 275 -5.87 1.36 -15.48
N ASP A 276 -6.69 0.52 -14.87
CA ASP A 276 -6.68 -0.89 -15.13
C ASP A 276 -8.08 -1.46 -15.25
N GLY A 277 -9.08 -0.58 -15.42
CA GLY A 277 -10.49 -1.01 -15.47
C GLY A 277 -10.94 -2.05 -14.42
N GLY A 278 -10.17 -2.17 -13.32
CA GLY A 278 -10.50 -3.07 -12.20
C GLY A 278 -9.49 -4.19 -12.05
N GLN A 279 -8.81 -4.46 -13.15
CA GLN A 279 -7.94 -5.64 -13.33
C GLN A 279 -6.86 -5.85 -12.25
N GLY A 280 -6.18 -4.76 -11.88
CA GLY A 280 -5.17 -4.78 -10.79
C GLY A 280 -5.70 -5.34 -9.47
N LEU A 281 -6.95 -5.03 -9.17
CA LEU A 281 -7.62 -5.65 -8.05
C LEU A 281 -7.91 -7.14 -8.29
N LEU A 282 -7.88 -7.60 -9.54
CA LEU A 282 -8.11 -9.03 -9.80
C LEU A 282 -6.83 -9.81 -9.82
N ARG A 283 -5.78 -9.23 -10.40
CA ARG A 283 -4.54 -9.96 -10.61
C ARG A 283 -3.47 -9.47 -9.66
N PRO B 27 -29.55 14.67 -23.35
CA PRO B 27 -29.48 13.69 -22.27
C PRO B 27 -28.60 14.16 -21.08
N SER B 28 -28.78 15.40 -20.65
CA SER B 28 -27.84 16.07 -19.74
C SER B 28 -27.63 15.33 -18.38
N PRO B 29 -26.36 15.09 -17.98
CA PRO B 29 -25.99 14.26 -16.80
C PRO B 29 -26.39 14.80 -15.42
N VAL B 30 -26.76 13.92 -14.51
CA VAL B 30 -27.17 14.34 -13.14
C VAL B 30 -26.22 13.83 -12.04
N ALA B 31 -25.81 14.73 -11.16
CA ALA B 31 -24.90 14.41 -10.06
C ALA B 31 -25.52 14.72 -8.69
N LEU B 32 -25.41 13.78 -7.76
CA LEU B 32 -25.64 14.11 -6.36
C LEU B 32 -24.26 14.36 -5.80
N ILE B 33 -24.15 15.40 -4.99
CA ILE B 33 -22.88 15.73 -4.40
C ILE B 33 -23.24 15.98 -2.99
N THR B 34 -22.63 15.29 -2.05
CA THR B 34 -22.97 15.54 -0.65
C THR B 34 -21.92 16.39 0.02
N GLY B 35 -22.23 16.89 1.23
CA GLY B 35 -21.48 17.98 1.83
C GLY B 35 -21.24 19.09 0.83
N ALA B 36 -22.24 19.40 0.00
CA ALA B 36 -22.06 20.40 -1.05
C ALA B 36 -22.09 21.87 -0.56
N GLY B 37 -22.53 22.09 0.68
CA GLY B 37 -22.72 23.46 1.17
C GLY B 37 -21.43 24.25 1.25
N SER B 38 -20.27 23.60 1.12
CA SER B 38 -19.02 24.34 1.22
C SER B 38 -17.79 23.50 0.89
N GLY B 39 -16.61 24.10 1.09
CA GLY B 39 -15.34 23.47 0.80
C GLY B 39 -15.37 22.81 -0.55
N ILE B 40 -14.81 21.61 -0.55
CA ILE B 40 -14.62 20.85 -1.75
C ILE B 40 -15.96 20.57 -2.39
N GLY B 41 -16.95 20.25 -1.58
CA GLY B 41 -18.26 19.91 -2.09
C GLY B 41 -18.79 21.06 -2.92
N ARG B 42 -18.75 22.26 -2.35
CA ARG B 42 -19.23 23.42 -3.05
C ARG B 42 -18.44 23.62 -4.35
N ALA B 43 -17.11 23.65 -4.26
CA ALA B 43 -16.30 23.91 -5.45
C ALA B 43 -16.50 22.82 -6.51
N THR B 44 -16.73 21.59 -6.05
CA THR B 44 -17.09 20.51 -6.95
C THR B 44 -18.39 20.84 -7.69
N ALA B 45 -19.37 21.33 -6.94
CA ALA B 45 -20.69 21.59 -7.49
C ALA B 45 -20.62 22.62 -8.62
N LEU B 46 -19.85 23.68 -8.40
CA LEU B 46 -19.57 24.68 -9.45
C LEU B 46 -18.87 24.03 -10.64
N ALA B 47 -17.77 23.34 -10.35
CA ALA B 47 -16.96 22.72 -11.39
C ALA B 47 -17.81 21.96 -12.40
N LEU B 48 -18.58 20.99 -11.91
CA LEU B 48 -19.46 20.15 -12.72
C LEU B 48 -20.62 20.91 -13.40
N ALA B 49 -21.19 21.89 -12.70
CA ALA B 49 -22.24 22.76 -13.26
C ALA B 49 -21.74 23.43 -14.51
N ALA B 50 -20.53 23.97 -14.43
CA ALA B 50 -19.77 24.49 -15.57
C ALA B 50 -19.57 23.48 -16.74
N ASP B 51 -19.49 22.18 -16.48
CA ASP B 51 -19.54 21.19 -17.57
C ASP B 51 -20.99 20.86 -17.98
N GLY B 52 -21.94 21.65 -17.48
CA GLY B 52 -23.34 21.43 -17.82
C GLY B 52 -23.92 20.22 -17.15
N VAL B 53 -23.21 19.68 -16.15
CA VAL B 53 -23.79 18.61 -15.33
C VAL B 53 -24.83 19.25 -14.45
N THR B 54 -26.04 18.71 -14.43
CA THR B 54 -27.04 19.26 -13.50
C THR B 54 -26.82 18.60 -12.12
N VAL B 55 -26.83 19.45 -11.09
CA VAL B 55 -26.35 19.13 -9.74
C VAL B 55 -27.43 19.11 -8.68
N GLY B 56 -27.57 17.97 -8.01
CA GLY B 56 -28.28 17.93 -6.72
C GLY B 56 -27.29 18.18 -5.59
N ALA B 57 -27.31 19.39 -4.99
CA ALA B 57 -26.42 19.79 -3.89
C ALA B 57 -27.05 19.55 -2.53
N LEU B 58 -26.59 18.52 -1.86
CA LEU B 58 -27.15 18.07 -0.62
C LEU B 58 -26.17 18.45 0.46
N GLY B 59 -26.69 18.98 1.55
CA GLY B 59 -25.88 19.44 2.64
C GLY B 59 -26.73 19.38 3.88
N ARG B 60 -26.10 19.71 4.99
CA ARG B 60 -26.70 19.63 6.29
C ARG B 60 -27.44 20.94 6.67
N THR B 61 -27.18 22.02 5.91
CA THR B 61 -27.71 23.38 6.14
C THR B 61 -28.40 23.95 4.88
N ARG B 62 -29.74 23.90 4.83
CA ARG B 62 -30.58 24.50 3.76
C ARG B 62 -29.95 25.68 3.05
N THR B 63 -29.62 26.70 3.83
CA THR B 63 -29.29 28.03 3.32
C THR B 63 -27.99 28.06 2.52
N GLU B 64 -27.05 27.19 2.88
CA GLU B 64 -25.77 27.12 2.18
C GLU B 64 -25.92 26.36 0.87
N VAL B 65 -26.67 25.29 0.93
CA VAL B 65 -26.94 24.49 -0.23
C VAL B 65 -27.92 25.21 -1.17
N GLU B 66 -28.83 26.04 -0.61
CA GLU B 66 -29.70 26.89 -1.44
C GLU B 66 -28.86 27.89 -2.23
N GLU B 67 -27.92 28.52 -1.54
CA GLU B 67 -27.01 29.50 -2.12
C GLU B 67 -26.16 29.01 -3.29
N VAL B 68 -25.66 27.77 -3.21
CA VAL B 68 -24.91 27.21 -4.33
C VAL B 68 -25.85 26.78 -5.47
N ALA B 69 -27.01 26.20 -5.15
CA ALA B 69 -27.97 25.89 -6.21
C ALA B 69 -28.40 27.18 -6.94
N ASP B 70 -28.60 28.25 -6.15
CA ASP B 70 -28.96 29.54 -6.70
C ASP B 70 -27.87 29.97 -7.71
N GLU B 71 -26.66 30.18 -7.22
CA GLU B 71 -25.51 30.52 -8.07
C GLU B 71 -25.44 29.67 -9.34
N ILE B 72 -25.67 28.37 -9.21
CA ILE B 72 -25.65 27.50 -10.38
C ILE B 72 -26.73 27.89 -11.38
N VAL B 73 -27.95 28.12 -10.87
CA VAL B 73 -29.07 28.58 -11.72
C VAL B 73 -28.83 30.02 -12.24
N GLY B 74 -28.30 30.89 -11.39
CA GLY B 74 -27.81 32.22 -11.81
C GLY B 74 -26.91 32.24 -13.05
N ALA B 75 -25.98 31.30 -13.17
CA ALA B 75 -25.19 31.15 -14.40
C ALA B 75 -25.91 30.26 -15.46
N GLY B 76 -27.22 30.11 -15.35
CA GLY B 76 -27.98 29.33 -16.30
C GLY B 76 -27.75 27.83 -16.23
N GLY B 77 -27.46 27.31 -15.04
CA GLY B 77 -27.38 25.86 -14.86
C GLY B 77 -28.67 25.24 -14.32
N GLN B 78 -28.64 23.94 -14.07
CA GLN B 78 -29.74 23.22 -13.40
C GLN B 78 -29.27 22.70 -12.03
N ALA B 79 -30.09 22.89 -10.99
CA ALA B 79 -29.73 22.53 -9.61
C ALA B 79 -30.89 22.52 -8.61
N ILE B 80 -30.97 21.47 -7.78
CA ILE B 80 -31.83 21.44 -6.57
C ILE B 80 -30.98 21.42 -5.28
N ALA B 81 -31.28 22.31 -4.35
CA ALA B 81 -30.70 22.23 -3.01
C ALA B 81 -31.47 21.15 -2.30
N LEU B 82 -30.77 20.24 -1.61
CA LEU B 82 -31.42 19.18 -0.86
C LEU B 82 -30.83 19.21 0.51
N GLU B 83 -31.69 19.40 1.52
CA GLU B 83 -31.24 19.46 2.91
C GLU B 83 -31.40 18.08 3.51
N ALA B 84 -30.31 17.51 4.03
CA ALA B 84 -30.34 16.19 4.66
C ALA B 84 -29.11 15.87 5.52
N ASP B 85 -29.33 15.03 6.51
CA ASP B 85 -28.26 14.56 7.37
C ASP B 85 -27.86 13.22 6.79
N VAL B 86 -26.58 13.12 6.50
CA VAL B 86 -26.14 12.05 5.66
C VAL B 86 -26.21 10.69 6.33
N SER B 87 -26.31 10.67 7.66
CA SER B 87 -26.28 9.41 8.42
C SER B 87 -27.68 8.93 8.81
N ASP B 88 -28.67 9.63 8.27
CA ASP B 88 -30.07 9.39 8.53
C ASP B 88 -30.68 8.76 7.32
N GLU B 89 -31.22 7.54 7.49
CA GLU B 89 -31.75 6.74 6.40
C GLU B 89 -32.89 7.44 5.69
N LEU B 90 -33.81 8.00 6.46
CA LEU B 90 -35.05 8.47 5.84
C LEU B 90 -34.78 9.74 5.07
N GLN B 91 -34.16 10.72 5.71
CA GLN B 91 -33.81 11.91 4.99
C GLN B 91 -33.08 11.63 3.68
N MSE B 92 -32.19 10.63 3.68
CA MSE B 92 -31.37 10.30 2.52
C MSE B 92 -32.20 9.69 1.42
O MSE B 92 -32.12 10.11 0.26
CB MSE B 92 -30.21 9.39 2.93
CG MSE B 92 -29.10 10.22 3.60
SE MSE B 92 -28.24 11.43 2.29
CE MSE B 92 -28.43 13.14 3.22
N ARG B 93 -33.04 8.71 1.76
CA ARG B 93 -33.96 8.16 0.77
C ARG B 93 -34.79 9.28 0.18
N ASN B 94 -35.26 10.19 1.04
CA ASN B 94 -36.11 11.31 0.60
C ASN B 94 -35.37 12.28 -0.31
N ALA B 95 -34.10 12.56 0.01
CA ALA B 95 -33.24 13.38 -0.85
C ALA B 95 -32.98 12.71 -2.21
N VAL B 96 -32.66 11.42 -2.20
CA VAL B 96 -32.34 10.72 -3.46
C VAL B 96 -33.58 10.64 -4.37
N ARG B 97 -34.69 10.11 -3.84
CA ARG B 97 -35.99 10.07 -4.53
C ARG B 97 -36.31 11.46 -5.08
N ASP B 98 -36.22 12.47 -4.22
CA ASP B 98 -36.51 13.85 -4.62
C ASP B 98 -35.77 14.21 -5.86
N LEU B 99 -34.46 13.96 -5.86
CA LEU B 99 -33.60 14.43 -6.93
C LEU B 99 -33.89 13.70 -8.22
N VAL B 100 -34.16 12.40 -8.14
CA VAL B 100 -34.40 11.61 -9.33
C VAL B 100 -35.74 12.02 -9.93
N LEU B 101 -36.69 12.41 -9.09
CA LEU B 101 -38.00 12.79 -9.57
C LEU B 101 -37.90 14.07 -10.38
N LYS B 102 -37.21 15.08 -9.83
CA LYS B 102 -37.09 16.32 -10.57
C LYS B 102 -36.39 16.17 -11.94
N PHE B 103 -35.43 15.26 -12.08
CA PHE B 103 -34.60 15.25 -13.30
C PHE B 103 -34.64 13.97 -14.14
N GLY B 104 -35.15 12.89 -13.56
CA GLY B 104 -35.43 11.66 -14.32
C GLY B 104 -34.46 10.51 -14.22
N HIS B 105 -33.20 10.80 -13.94
CA HIS B 105 -32.14 9.78 -13.95
C HIS B 105 -31.01 10.19 -13.03
N LEU B 106 -30.12 9.25 -12.70
CA LEU B 106 -28.94 9.61 -11.93
C LEU B 106 -27.70 9.07 -12.62
N ASP B 107 -26.59 9.82 -12.61
CA ASP B 107 -25.36 9.46 -13.36
C ASP B 107 -24.08 9.52 -12.53
N ILE B 108 -24.03 10.50 -11.64
CA ILE B 108 -22.81 10.86 -10.94
C ILE B 108 -23.12 11.08 -9.48
N VAL B 109 -22.24 10.53 -8.63
CA VAL B 109 -22.35 10.59 -7.18
C VAL B 109 -21.01 10.99 -6.57
N VAL B 110 -20.98 12.04 -5.74
CA VAL B 110 -19.78 12.39 -5.02
C VAL B 110 -20.02 12.31 -3.51
N ALA B 111 -19.56 11.23 -2.88
CA ALA B 111 -19.70 11.10 -1.43
C ALA B 111 -18.64 11.94 -0.75
N ASN B 112 -19.01 13.15 -0.37
CA ASN B 112 -18.06 14.10 0.16
C ASN B 112 -18.38 14.45 1.63
N ALA B 113 -19.61 14.28 2.07
CA ALA B 113 -19.98 14.62 3.43
C ALA B 113 -19.04 13.97 4.43
N GLY B 114 -18.56 14.76 5.38
CA GLY B 114 -17.77 14.25 6.50
C GLY B 114 -17.54 15.29 7.58
N ILE B 115 -17.23 14.84 8.78
CA ILE B 115 -16.78 15.72 9.85
C ILE B 115 -15.46 15.23 10.37
N ASN B 116 -14.78 16.04 11.12
CA ASN B 116 -13.58 15.57 11.72
C ASN B 116 -13.91 14.90 13.01
N GLY B 117 -14.97 15.39 13.67
CA GLY B 117 -15.40 14.88 14.99
C GLY B 117 -14.36 15.07 16.09
N VAL B 118 -14.49 14.38 17.20
CA VAL B 118 -13.53 14.65 18.28
C VAL B 118 -12.20 13.96 18.00
N TRP B 119 -11.08 14.64 18.18
CA TRP B 119 -9.76 13.95 18.20
C TRP B 119 -9.32 14.02 19.62
N ALA B 120 -9.00 12.87 20.21
CA ALA B 120 -8.52 12.80 21.61
C ALA B 120 -7.81 11.48 21.91
N PRO B 121 -7.06 11.41 23.03
CA PRO B 121 -6.34 10.17 23.38
C PRO B 121 -7.28 8.99 23.38
N ILE B 122 -6.82 7.83 22.90
CA ILE B 122 -7.72 6.68 22.71
C ILE B 122 -8.58 6.40 23.95
N ASP B 123 -7.98 6.48 25.13
CA ASP B 123 -8.75 6.32 26.36
C ASP B 123 -9.59 7.55 26.81
N ASP B 124 -9.38 8.73 26.20
CA ASP B 124 -10.20 9.91 26.50
C ASP B 124 -11.36 10.11 25.50
N LEU B 125 -11.24 9.54 24.31
CA LEU B 125 -12.26 9.63 23.27
C LEU B 125 -13.46 8.78 23.70
N LYS B 126 -14.62 9.39 23.84
CA LYS B 126 -15.76 8.70 24.42
C LYS B 126 -16.52 7.85 23.36
N PRO B 127 -17.22 6.77 23.81
CA PRO B 127 -17.95 5.96 22.83
C PRO B 127 -18.93 6.76 21.98
N PHE B 128 -19.66 7.67 22.59
CA PHE B 128 -20.62 8.41 21.81
C PHE B 128 -19.96 9.32 20.79
N GLU B 129 -18.78 9.87 21.13
CA GLU B 129 -18.10 10.74 20.15
C GLU B 129 -17.42 9.90 19.06
N TRP B 130 -16.85 8.74 19.41
CA TRP B 130 -16.50 7.77 18.37
C TRP B 130 -17.64 7.47 17.45
N ASP B 131 -18.84 7.23 17.99
CA ASP B 131 -20.00 6.82 17.19
C ASP B 131 -20.36 7.86 16.13
N GLU B 132 -20.24 9.11 16.53
CA GLU B 132 -20.69 10.24 15.76
C GLU B 132 -19.82 10.37 14.49
N THR B 133 -18.51 10.18 14.63
CA THR B 133 -17.57 10.25 13.50
C THR B 133 -17.85 9.07 12.56
N ILE B 134 -18.02 7.88 13.14
CA ILE B 134 -18.49 6.73 12.34
C ILE B 134 -19.86 6.97 11.70
N ALA B 135 -20.75 7.71 12.34
CA ALA B 135 -22.09 7.79 11.74
C ALA B 135 -22.14 8.68 10.50
N VAL B 136 -21.50 9.84 10.61
CA VAL B 136 -21.48 10.77 9.49
C VAL B 136 -20.54 10.25 8.42
N ASN B 137 -19.29 10.03 8.77
CA ASN B 137 -18.27 9.65 7.79
C ASN B 137 -18.49 8.28 7.23
N LEU B 138 -18.85 7.30 8.07
CA LEU B 138 -18.91 5.91 7.56
C LEU B 138 -20.29 5.46 7.14
N ARG B 139 -21.32 5.67 7.97
CA ARG B 139 -22.66 5.25 7.61
C ARG B 139 -23.13 6.08 6.45
N GLY B 140 -22.70 7.34 6.43
CA GLY B 140 -23.05 8.27 5.37
C GLY B 140 -22.53 7.76 4.06
N THR B 141 -21.32 7.21 4.07
CA THR B 141 -20.86 6.63 2.81
C THR B 141 -21.74 5.45 2.43
N PHE B 142 -21.92 4.49 3.34
CA PHE B 142 -22.84 3.38 3.00
C PHE B 142 -24.22 3.86 2.52
N LEU B 143 -24.95 4.62 3.34
CA LEU B 143 -26.26 5.16 2.90
C LEU B 143 -26.20 5.85 1.54
N THR B 144 -25.25 6.75 1.36
CA THR B 144 -25.14 7.43 0.09
C THR B 144 -25.10 6.46 -1.08
N LEU B 145 -24.36 5.36 -0.96
CA LEU B 145 -24.21 4.44 -2.09
C LEU B 145 -25.39 3.49 -2.28
N HIS B 146 -25.72 2.76 -1.22
CA HIS B 146 -26.93 1.94 -1.14
C HIS B 146 -28.13 2.59 -1.84
N LEU B 147 -28.38 3.86 -1.55
CA LEU B 147 -29.55 4.54 -2.07
C LEU B 147 -29.40 5.05 -3.51
N THR B 148 -28.16 5.21 -4.00
CA THR B 148 -27.96 5.75 -5.34
C THR B 148 -27.59 4.68 -6.36
N VAL B 149 -26.90 3.63 -5.92
CA VAL B 149 -26.52 2.56 -6.84
C VAL B 149 -27.69 1.99 -7.65
N PRO B 150 -28.88 1.78 -7.02
CA PRO B 150 -30.07 1.32 -7.81
C PRO B 150 -30.32 2.18 -9.08
N TYR B 151 -30.43 3.50 -8.90
CA TYR B 151 -30.59 4.41 -10.01
C TYR B 151 -29.46 4.36 -11.04
N LEU B 152 -28.24 4.23 -10.57
CA LEU B 152 -27.14 4.12 -11.50
C LEU B 152 -27.27 2.84 -12.29
N LYS B 153 -27.48 1.72 -11.59
CA LYS B 153 -27.78 0.45 -12.25
C LYS B 153 -28.88 0.58 -13.32
N GLN B 154 -29.96 1.32 -13.03
CA GLN B 154 -31.07 1.53 -13.98
C GLN B 154 -30.64 2.39 -15.18
N ARG B 155 -29.95 3.50 -14.90
CA ARG B 155 -29.39 4.36 -15.93
C ARG B 155 -28.45 3.64 -16.89
N GLY B 156 -28.04 2.40 -16.57
CA GLY B 156 -27.06 1.69 -17.39
C GLY B 156 -25.59 1.99 -17.05
N GLY B 157 -25.37 2.88 -16.09
CA GLY B 157 -24.02 3.16 -15.62
C GLY B 157 -23.74 4.58 -15.15
N GLY B 158 -22.57 4.76 -14.54
CA GLY B 158 -22.19 6.09 -14.12
C GLY B 158 -20.84 6.14 -13.44
N ALA B 159 -20.72 7.12 -12.53
CA ALA B 159 -19.41 7.43 -11.96
C ALA B 159 -19.56 7.79 -10.49
N ILE B 160 -18.75 7.14 -9.65
CA ILE B 160 -18.77 7.45 -8.24
C ILE B 160 -17.39 7.83 -7.80
N VAL B 161 -17.31 8.93 -7.05
CA VAL B 161 -16.12 9.29 -6.32
C VAL B 161 -16.51 9.48 -4.88
N VAL B 162 -15.78 8.85 -3.95
CA VAL B 162 -15.83 9.16 -2.50
C VAL B 162 -14.54 9.86 -2.02
N VAL B 163 -14.72 10.98 -1.30
CA VAL B 163 -13.65 11.83 -0.86
C VAL B 163 -13.23 11.34 0.51
N SER B 164 -11.96 10.91 0.59
CA SER B 164 -11.37 10.26 1.74
C SER B 164 -10.35 11.25 2.18
N SER B 165 -9.12 10.82 2.45
CA SER B 165 -8.10 11.69 3.00
C SER B 165 -6.72 11.01 2.98
N ILE B 166 -5.67 11.81 3.17
CA ILE B 166 -4.35 11.22 3.47
C ILE B 166 -4.33 10.46 4.79
N ASN B 167 -5.17 10.92 5.74
CA ASN B 167 -5.36 10.29 7.04
C ASN B 167 -5.92 8.92 6.84
N GLY B 168 -5.29 7.91 7.38
CA GLY B 168 -5.78 6.57 7.20
C GLY B 168 -5.32 5.89 5.93
N THR B 169 -4.71 6.64 5.01
CA THR B 169 -4.13 6.05 3.80
C THR B 169 -2.60 6.18 3.80
N ARG B 170 -2.11 7.41 3.96
CA ARG B 170 -0.65 7.66 4.02
C ARG B 170 -0.18 8.24 5.35
N THR B 171 -1.11 8.76 6.14
CA THR B 171 -0.79 9.61 7.29
C THR B 171 -1.50 9.09 8.53
N PHE B 172 -0.73 8.98 9.60
CA PHE B 172 -1.23 8.39 10.82
C PHE B 172 -0.86 9.20 12.02
N THR B 173 -0.38 10.44 11.77
CA THR B 173 0.20 11.34 12.81
C THR B 173 -0.73 12.43 13.35
N THR B 174 -1.92 12.58 12.76
CA THR B 174 -2.78 13.69 13.13
C THR B 174 -3.34 13.44 14.53
N PRO B 175 -3.03 14.37 15.48
CA PRO B 175 -3.07 13.99 16.91
C PRO B 175 -4.44 13.55 17.44
N GLY B 176 -4.55 12.26 17.72
CA GLY B 176 -5.78 11.65 18.25
C GLY B 176 -6.97 11.55 17.31
N ALA B 177 -6.70 11.46 16.02
CA ALA B 177 -7.69 11.47 14.96
C ALA B 177 -8.18 10.05 14.57
N THR B 178 -7.89 9.09 15.44
CA THR B 178 -8.23 7.71 15.23
C THR B 178 -9.63 7.44 14.56
N ALA B 179 -10.69 8.04 15.05
CA ALA B 179 -11.99 7.69 14.54
C ALA B 179 -12.11 8.13 13.10
N TYR B 180 -11.71 9.37 12.84
CA TYR B 180 -11.67 9.93 11.53
C TYR B 180 -10.84 9.06 10.59
N THR B 181 -9.59 8.83 10.99
CA THR B 181 -8.66 7.93 10.31
C THR B 181 -9.28 6.56 9.97
N ALA B 182 -9.93 5.94 10.97
CA ALA B 182 -10.62 4.68 10.77
C ALA B 182 -11.64 4.84 9.66
N THR B 183 -12.49 5.86 9.77
CA THR B 183 -13.49 6.06 8.74
C THR B 183 -12.84 6.28 7.36
N LYS B 184 -11.71 7.01 7.29
CA LYS B 184 -11.17 7.40 5.97
C LYS B 184 -10.49 6.21 5.25
N ALA B 185 -9.82 5.37 6.04
CA ALA B 185 -9.34 4.07 5.54
C ALA B 185 -10.51 3.22 5.04
N ALA B 186 -11.53 3.01 5.87
CA ALA B 186 -12.74 2.31 5.42
C ALA B 186 -13.18 2.73 4.01
N GLN B 187 -13.21 4.04 3.80
CA GLN B 187 -13.74 4.57 2.57
C GLN B 187 -13.04 4.02 1.33
N VAL B 188 -11.70 3.97 1.34
CA VAL B 188 -10.96 3.57 0.14
C VAL B 188 -11.13 2.10 -0.08
N ALA B 189 -11.31 1.36 1.02
CA ALA B 189 -11.66 -0.05 0.95
C ALA B 189 -13.05 -0.24 0.34
N ILE B 190 -14.06 0.51 0.79
CA ILE B 190 -15.39 0.42 0.15
C ILE B 190 -15.28 0.59 -1.37
N VAL B 191 -14.53 1.61 -1.74
CA VAL B 191 -14.32 2.02 -3.12
C VAL B 191 -13.79 0.89 -4.02
N GLN B 192 -12.78 0.19 -3.52
CA GLN B 192 -12.15 -0.90 -4.25
C GLN B 192 -13.02 -2.13 -4.29
N GLN B 193 -13.70 -2.44 -3.17
CA GLN B 193 -14.69 -3.53 -3.19
C GLN B 193 -15.72 -3.26 -4.24
N LEU B 194 -16.26 -2.04 -4.25
CA LEU B 194 -17.37 -1.78 -5.15
C LEU B 194 -16.95 -1.65 -6.61
N ALA B 195 -15.76 -1.12 -6.86
CA ALA B 195 -15.26 -1.02 -8.23
C ALA B 195 -15.47 -2.35 -8.96
N LEU B 196 -15.22 -3.44 -8.21
CA LEU B 196 -15.29 -4.78 -8.71
C LEU B 196 -16.71 -5.25 -8.77
N GLU B 197 -17.48 -4.93 -7.73
CA GLU B 197 -18.86 -5.36 -7.69
C GLU B 197 -19.62 -4.73 -8.87
N LEU B 198 -19.21 -3.52 -9.26
CA LEU B 198 -20.06 -2.68 -10.10
C LEU B 198 -19.54 -2.49 -11.52
N GLY B 199 -18.40 -3.09 -11.83
CA GLY B 199 -17.84 -2.94 -13.16
C GLY B 199 -18.69 -3.59 -14.25
N LYS B 200 -19.16 -4.79 -13.96
CA LYS B 200 -20.11 -5.44 -14.86
C LYS B 200 -21.34 -4.54 -15.09
N HIS B 201 -21.62 -3.56 -14.22
CA HIS B 201 -22.77 -2.64 -14.40
C HIS B 201 -22.38 -1.33 -15.03
N HIS B 202 -21.12 -1.25 -15.49
CA HIS B 202 -20.52 -0.02 -16.03
C HIS B 202 -20.60 1.13 -15.07
N ILE B 203 -20.41 0.85 -13.77
CA ILE B 203 -20.21 1.93 -12.79
C ILE B 203 -18.77 2.00 -12.29
N ARG B 204 -18.17 3.15 -12.52
CA ARG B 204 -16.81 3.41 -12.09
C ARG B 204 -16.82 3.94 -10.68
N VAL B 205 -15.96 3.39 -9.83
CA VAL B 205 -15.90 3.82 -8.45
C VAL B 205 -14.50 4.20 -8.09
N ASN B 206 -14.26 5.49 -7.88
CA ASN B 206 -12.95 5.91 -7.43
C ASN B 206 -12.92 6.66 -6.10
N ALA B 207 -11.71 6.75 -5.53
CA ALA B 207 -11.46 7.47 -4.28
C ALA B 207 -10.49 8.61 -4.55
N VAL B 208 -10.69 9.71 -3.85
CA VAL B 208 -9.79 10.81 -3.99
C VAL B 208 -9.34 11.18 -2.57
N CYS B 209 -8.02 11.30 -2.37
CA CYS B 209 -7.44 11.47 -1.02
C CYS B 209 -6.70 12.79 -0.73
N PRO B 210 -7.43 13.84 -0.35
CA PRO B 210 -6.72 15.09 -0.21
C PRO B 210 -5.89 15.17 1.04
N GLY B 211 -4.82 15.97 0.96
CA GLY B 211 -4.15 16.54 2.13
C GLY B 211 -4.90 17.75 2.67
N ALA B 212 -4.20 18.63 3.37
CA ALA B 212 -4.85 19.82 3.86
C ALA B 212 -5.38 20.62 2.69
N ILE B 213 -6.69 20.81 2.69
CA ILE B 213 -7.34 21.73 1.77
C ILE B 213 -7.86 22.90 2.57
N GLU B 214 -7.52 24.12 2.16
CA GLU B 214 -8.03 25.38 2.74
C GLU B 214 -7.59 25.70 4.15
N THR B 215 -7.44 24.67 4.99
CA THR B 215 -7.03 24.85 6.38
C THR B 215 -5.85 23.89 6.78
N ASN B 216 -5.07 24.17 7.84
CA ASN B 216 -4.02 23.21 8.32
C ASN B 216 -4.57 21.83 8.65
N ILE B 217 -3.74 20.80 8.51
CA ILE B 217 -4.15 19.42 8.73
C ILE B 217 -4.60 19.18 10.17
N SER B 218 -4.03 19.98 11.06
CA SER B 218 -4.22 19.86 12.49
C SER B 218 -5.41 20.65 13.06
N ASP B 219 -6.18 21.27 12.18
CA ASP B 219 -6.99 22.37 12.59
C ASP B 219 -8.40 21.88 12.87
N ASN B 220 -8.71 21.67 14.15
CA ASN B 220 -9.98 21.14 14.57
C ASN B 220 -10.29 21.74 15.95
N THR B 221 -11.41 22.43 16.07
CA THR B 221 -11.80 23.01 17.36
C THR B 221 -12.29 21.97 18.39
N LYS B 222 -12.62 20.76 17.94
CA LYS B 222 -12.93 19.63 18.83
C LYS B 222 -11.72 18.77 19.10
N LEU B 223 -10.53 19.30 18.89
CA LEU B 223 -9.30 18.59 19.26
C LEU B 223 -8.97 18.83 20.73
N ARG B 224 -8.77 17.75 21.45
CA ARG B 224 -8.46 17.79 22.87
C ARG B 224 -7.10 17.16 23.12
N HIS B 225 -6.32 17.76 24.01
CA HIS B 225 -5.09 17.11 24.52
C HIS B 225 -4.06 16.77 23.48
N GLU B 226 -3.82 17.72 22.55
CA GLU B 226 -2.78 17.56 21.51
C GLU B 226 -1.42 17.08 22.05
N GLU B 227 -0.99 17.65 23.17
CA GLU B 227 0.27 17.28 23.80
C GLU B 227 0.47 15.80 24.05
N GLU B 228 -0.61 15.07 24.33
CA GLU B 228 -0.53 13.63 24.62
C GLU B 228 -0.43 12.77 23.35
N THR B 229 -1.02 13.24 22.26
CA THR B 229 -1.19 12.44 21.05
C THR B 229 -0.15 12.78 19.98
N ALA B 230 0.06 14.06 19.73
CA ALA B 230 1.05 14.52 18.73
C ALA B 230 2.44 14.03 19.04
N ILE B 231 3.08 13.45 18.03
CA ILE B 231 4.51 13.30 18.09
C ILE B 231 5.11 14.64 17.65
N PRO B 232 5.84 15.30 18.56
CA PRO B 232 6.17 16.70 18.26
C PRO B 232 7.19 16.83 17.10
N VAL B 233 7.00 17.86 16.28
CA VAL B 233 7.68 17.98 15.04
C VAL B 233 7.66 19.45 14.54
N GLU B 234 8.79 19.95 14.08
CA GLU B 234 8.82 21.27 13.44
C GLU B 234 9.34 21.17 12.00
N TRP B 235 8.63 21.85 11.09
CA TRP B 235 8.98 21.83 9.70
C TRP B 235 9.42 23.19 9.32
N PRO B 236 10.71 23.54 9.53
CA PRO B 236 11.09 24.93 9.14
C PRO B 236 10.67 25.42 7.73
N LYS B 237 10.29 24.54 6.82
CA LYS B 237 9.97 25.05 5.49
C LYS B 237 8.64 24.53 5.02
N GLY B 238 7.67 24.49 5.93
CA GLY B 238 6.34 23.90 5.70
C GLY B 238 6.43 22.40 5.48
N GLN B 239 5.28 21.76 5.35
CA GLN B 239 5.22 20.39 4.94
C GLN B 239 4.22 20.16 3.82
N VAL B 240 4.02 21.16 2.96
CA VAL B 240 3.35 20.88 1.70
C VAL B 240 4.17 21.42 0.53
N PRO B 241 4.99 20.52 -0.06
CA PRO B 241 6.13 20.82 -0.93
C PRO B 241 5.73 21.56 -2.18
N ILE B 242 4.64 21.15 -2.84
CA ILE B 242 4.25 21.80 -4.10
C ILE B 242 3.78 23.26 -3.99
N THR B 243 3.36 23.66 -2.78
CA THR B 243 2.78 25.00 -2.54
C THR B 243 3.55 25.76 -1.49
N ASP B 244 4.63 25.15 -1.01
CA ASP B 244 5.51 25.76 -0.03
C ASP B 244 4.89 25.99 1.36
N GLY B 245 4.14 24.99 1.82
CA GLY B 245 3.67 24.95 3.20
C GLY B 245 2.19 25.25 3.29
N GLN B 246 1.63 25.71 2.18
CA GLN B 246 0.26 26.17 2.16
C GLN B 246 -0.69 25.03 1.86
N PRO B 247 -1.87 25.03 2.51
CA PRO B 247 -2.85 24.02 2.12
C PRO B 247 -3.17 24.10 0.63
N GLY B 248 -3.62 22.98 0.05
CA GLY B 248 -4.25 22.99 -1.28
C GLY B 248 -5.59 23.71 -1.23
N ARG B 249 -6.23 23.90 -2.38
CA ARG B 249 -7.48 24.67 -2.42
C ARG B 249 -8.67 23.84 -2.88
N SER B 250 -9.86 24.21 -2.47
CA SER B 250 -11.04 23.40 -2.83
C SER B 250 -11.10 23.10 -4.34
N GLU B 251 -10.95 24.13 -5.16
CA GLU B 251 -10.97 23.98 -6.62
C GLU B 251 -9.96 22.94 -7.16
N ASP B 252 -8.91 22.65 -6.38
CA ASP B 252 -7.92 21.67 -6.79
C ASP B 252 -8.56 20.26 -6.74
N VAL B 253 -9.29 20.01 -5.66
CA VAL B 253 -9.92 18.74 -5.48
C VAL B 253 -11.06 18.65 -6.47
N ALA B 254 -11.83 19.74 -6.53
CA ALA B 254 -12.89 19.89 -7.54
C ALA B 254 -12.41 19.45 -8.92
N GLU B 255 -11.30 20.01 -9.37
CA GLU B 255 -10.77 19.75 -10.70
C GLU B 255 -10.56 18.23 -10.89
N LEU B 256 -10.00 17.59 -9.88
CA LEU B 256 -9.72 16.15 -9.95
C LEU B 256 -10.99 15.28 -10.07
N ILE B 257 -12.03 15.68 -9.32
CA ILE B 257 -13.28 14.96 -9.25
C ILE B 257 -13.99 15.12 -10.59
N ARG B 258 -13.92 16.35 -11.08
CA ARG B 258 -14.40 16.64 -12.41
C ARG B 258 -13.74 15.74 -13.47
N PHE B 259 -12.45 15.47 -13.34
CA PHE B 259 -11.82 14.64 -14.34
C PHE B 259 -12.29 13.21 -14.17
N LEU B 260 -12.21 12.72 -12.93
CA LEU B 260 -12.62 11.37 -12.62
C LEU B 260 -14.08 11.02 -12.89
N VAL B 261 -14.98 12.00 -12.84
CA VAL B 261 -16.38 11.69 -13.19
C VAL B 261 -16.68 11.84 -14.68
N SER B 262 -15.75 12.40 -15.45
CA SER B 262 -15.97 12.60 -16.88
C SER B 262 -15.67 11.32 -17.64
N GLU B 263 -15.97 11.31 -18.93
CA GLU B 263 -15.66 10.17 -19.80
C GLU B 263 -14.17 10.15 -20.18
N ARG B 264 -13.47 11.26 -19.95
CA ARG B 264 -12.00 11.23 -19.98
C ARG B 264 -11.39 10.12 -19.07
N ALA B 265 -12.04 9.78 -17.94
CA ALA B 265 -11.55 8.71 -17.06
C ALA B 265 -12.24 7.35 -17.24
N ARG B 266 -12.65 7.02 -18.46
CA ARG B 266 -13.50 5.87 -18.66
C ARG B 266 -12.85 4.53 -18.36
N HIS B 267 -11.50 4.47 -18.29
CA HIS B 267 -10.83 3.22 -17.88
C HIS B 267 -10.39 3.18 -16.42
N VAL B 268 -10.75 4.24 -15.69
CA VAL B 268 -10.27 4.37 -14.30
C VAL B 268 -11.32 4.03 -13.26
N THR B 269 -11.11 2.89 -12.62
CA THR B 269 -11.99 2.43 -11.53
C THR B 269 -11.23 1.67 -10.48
N GLY B 270 -11.61 1.91 -9.24
CA GLY B 270 -11.03 1.24 -8.09
C GLY B 270 -9.66 1.76 -7.73
N SER B 271 -9.31 2.95 -8.24
CA SER B 271 -8.09 3.68 -7.86
C SER B 271 -8.35 4.78 -6.86
N PRO B 272 -7.49 4.89 -5.87
CA PRO B 272 -7.43 6.15 -5.14
C PRO B 272 -6.56 7.17 -5.91
N VAL B 273 -6.68 8.45 -5.59
CA VAL B 273 -5.75 9.38 -6.18
C VAL B 273 -5.51 10.41 -5.13
N TRP B 274 -4.26 10.48 -4.67
CA TRP B 274 -3.77 11.40 -3.61
C TRP B 274 -3.55 12.81 -4.12
N ILE B 275 -4.15 13.79 -3.44
CA ILE B 275 -4.04 15.19 -3.84
C ILE B 275 -3.63 16.04 -2.63
N ASP B 276 -2.31 16.05 -2.39
CA ASP B 276 -1.77 16.52 -1.12
C ASP B 276 -0.52 17.35 -1.31
N GLY B 277 -0.13 17.56 -2.56
CA GLY B 277 1.01 18.42 -2.85
C GLY B 277 2.27 17.83 -2.25
N GLY B 278 2.18 16.54 -1.89
CA GLY B 278 3.26 15.79 -1.31
C GLY B 278 3.17 15.61 0.19
N GLN B 279 2.15 16.20 0.80
CA GLN B 279 2.06 16.17 2.26
C GLN B 279 1.85 14.76 2.85
N GLY B 280 1.12 13.91 2.13
CA GLY B 280 0.99 12.50 2.50
C GLY B 280 2.31 11.80 2.75
N LEU B 281 3.27 12.11 1.90
CA LEU B 281 4.56 11.46 1.93
C LEU B 281 5.37 11.96 3.12
N LEU B 282 4.96 13.12 3.60
CA LEU B 282 5.57 13.75 4.73
C LEU B 282 4.97 13.44 6.09
N ARG B 283 3.68 13.16 6.19
CA ARG B 283 3.03 13.14 7.54
C ARG B 283 2.36 11.86 7.98
N PRO C 29 2.27 -12.19 34.02
CA PRO C 29 1.93 -11.65 32.66
C PRO C 29 0.45 -11.92 32.23
N VAL C 30 -0.33 -10.86 32.01
CA VAL C 30 -1.78 -11.01 31.86
C VAL C 30 -2.27 -10.51 30.52
N ALA C 31 -3.02 -11.38 29.82
CA ALA C 31 -3.54 -11.11 28.45
C ALA C 31 -5.07 -11.14 28.37
N LEU C 32 -5.65 -10.17 27.67
CA LEU C 32 -7.07 -10.25 27.37
C LEU C 32 -7.16 -10.63 25.92
N ILE C 33 -7.90 -11.69 25.64
CA ILE C 33 -8.10 -12.13 24.27
C ILE C 33 -9.57 -12.16 24.02
N THR C 34 -10.04 -11.39 23.03
CA THR C 34 -11.45 -11.35 22.68
C THR C 34 -11.74 -12.30 21.53
N GLY C 35 -13.00 -12.72 21.41
CA GLY C 35 -13.40 -13.71 20.42
C GLY C 35 -12.70 -15.02 20.74
N ALA C 36 -12.51 -15.26 22.02
CA ALA C 36 -11.65 -16.35 22.46
C ALA C 36 -12.38 -17.69 22.54
N GLY C 37 -13.63 -17.77 22.11
CA GLY C 37 -14.39 -19.02 22.19
C GLY C 37 -13.99 -20.12 21.20
N SER C 38 -13.33 -19.72 20.11
CA SER C 38 -13.02 -20.64 19.02
C SER C 38 -12.00 -20.05 18.07
N GLY C 39 -11.63 -20.81 17.05
CA GLY C 39 -10.86 -20.27 15.95
C GLY C 39 -9.54 -19.71 16.40
N ILE C 40 -9.24 -18.50 15.94
CA ILE C 40 -7.92 -17.92 16.19
C ILE C 40 -7.80 -17.60 17.68
N GLY C 41 -8.93 -17.12 18.22
CA GLY C 41 -9.01 -16.65 19.59
C GLY C 41 -8.76 -17.75 20.59
N ARG C 42 -9.39 -18.91 20.36
CA ARG C 42 -9.22 -20.07 21.22
C ARG C 42 -7.75 -20.50 21.15
N ALA C 43 -7.24 -20.57 19.93
CA ALA C 43 -5.90 -21.08 19.68
C ALA C 43 -4.81 -20.18 20.28
N THR C 44 -5.08 -18.89 20.30
CA THR C 44 -4.12 -17.93 20.81
C THR C 44 -4.14 -17.99 22.33
N ALA C 45 -5.32 -18.14 22.91
CA ALA C 45 -5.42 -18.31 24.37
C ALA C 45 -4.56 -19.49 24.83
N LEU C 46 -4.67 -20.60 24.12
CA LEU C 46 -3.93 -21.81 24.44
C LEU C 46 -2.41 -21.63 24.28
N ALA C 47 -2.00 -21.19 23.09
CA ALA C 47 -0.59 -20.93 22.82
C ALA C 47 0.05 -19.96 23.86
N LEU C 48 -0.66 -18.90 24.22
CA LEU C 48 -0.11 -17.91 25.15
C LEU C 48 -0.08 -18.43 26.56
N ALA C 49 -1.11 -19.18 26.93
CA ALA C 49 -1.17 -19.82 28.24
C ALA C 49 0.04 -20.72 28.38
N ALA C 50 0.30 -21.50 27.33
CA ALA C 50 1.50 -22.34 27.22
C ALA C 50 2.84 -21.59 27.42
N ASP C 51 2.89 -20.28 27.16
CA ASP C 51 4.08 -19.49 27.48
C ASP C 51 4.02 -18.91 28.89
N GLY C 52 3.04 -19.34 29.68
CA GLY C 52 2.92 -18.90 31.07
C GLY C 52 2.18 -17.58 31.30
N VAL C 53 1.31 -17.22 30.34
CA VAL C 53 0.63 -15.94 30.33
C VAL C 53 -0.78 -16.18 30.87
N THR C 54 -1.16 -15.46 31.93
CA THR C 54 -2.52 -15.53 32.44
C THR C 54 -3.55 -15.00 31.41
N VAL C 55 -4.51 -15.83 31.03
CA VAL C 55 -5.43 -15.52 29.94
C VAL C 55 -6.85 -15.16 30.41
N GLY C 56 -7.34 -14.01 29.94
CA GLY C 56 -8.73 -13.63 30.13
C GLY C 56 -9.50 -13.89 28.85
N ALA C 57 -9.95 -15.13 28.65
CA ALA C 57 -10.70 -15.52 27.45
C ALA C 57 -12.09 -14.89 27.42
N LEU C 58 -12.29 -13.95 26.49
CA LEU C 58 -13.56 -13.20 26.40
C LEU C 58 -14.34 -13.51 25.13
N GLY C 59 -15.66 -13.63 25.29
CA GLY C 59 -16.52 -14.07 24.19
C GLY C 59 -18.01 -13.90 24.38
N ARG C 60 -18.70 -13.90 23.25
CA ARG C 60 -20.16 -13.81 23.09
C ARG C 60 -20.89 -14.81 23.97
N THR C 61 -20.44 -16.08 23.95
CA THR C 61 -21.11 -17.21 24.60
C THR C 61 -20.30 -17.79 25.77
N ARG C 62 -20.93 -17.83 26.96
CA ARG C 62 -20.26 -18.17 28.22
C ARG C 62 -19.61 -19.55 28.22
N THR C 63 -20.34 -20.58 27.80
CA THR C 63 -19.81 -21.96 27.90
C THR C 63 -18.60 -22.18 27.02
N GLU C 64 -18.57 -21.54 25.85
CA GLU C 64 -17.40 -21.62 24.97
C GLU C 64 -16.12 -21.16 25.65
N VAL C 65 -16.19 -20.01 26.31
CA VAL C 65 -15.03 -19.43 26.96
C VAL C 65 -14.76 -20.10 28.32
N GLU C 66 -15.82 -20.64 28.93
CA GLU C 66 -15.67 -21.47 30.15
C GLU C 66 -14.82 -22.69 29.87
N GLU C 67 -15.18 -23.38 28.80
CA GLU C 67 -14.42 -24.50 28.30
C GLU C 67 -12.97 -24.17 28.00
N VAL C 68 -12.70 -23.01 27.40
CA VAL C 68 -11.31 -22.68 27.03
C VAL C 68 -10.55 -22.30 28.28
N ALA C 69 -11.21 -21.58 29.17
CA ALA C 69 -10.60 -21.28 30.47
C ALA C 69 -10.29 -22.56 31.24
N ASP C 70 -11.28 -23.45 31.38
CA ASP C 70 -11.13 -24.74 32.07
C ASP C 70 -9.92 -25.57 31.55
N GLU C 71 -9.89 -25.83 30.25
CA GLU C 71 -8.75 -26.53 29.67
C GLU C 71 -7.39 -25.92 30.09
N ILE C 72 -7.32 -24.59 30.17
CA ILE C 72 -6.11 -23.87 30.58
C ILE C 72 -5.79 -24.05 32.06
N VAL C 73 -6.76 -23.82 32.96
CA VAL C 73 -6.53 -24.09 34.39
C VAL C 73 -6.28 -25.58 34.58
N GLY C 74 -7.14 -26.40 33.94
CA GLY C 74 -7.00 -27.85 33.89
C GLY C 74 -5.63 -28.34 33.45
N ALA C 75 -5.01 -27.63 32.49
CA ALA C 75 -3.69 -28.04 31.99
C ALA C 75 -2.50 -27.38 32.71
N GLY C 76 -2.74 -26.61 33.77
CA GLY C 76 -1.63 -26.00 34.50
C GLY C 76 -1.66 -24.49 34.74
N GLY C 77 -1.92 -23.69 33.70
CA GLY C 77 -1.92 -22.23 33.81
C GLY C 77 -3.12 -21.60 34.50
N GLN C 78 -3.11 -20.27 34.64
CA GLN C 78 -4.25 -19.54 35.21
C GLN C 78 -5.11 -18.81 34.14
N ALA C 79 -6.43 -18.92 34.26
CA ALA C 79 -7.35 -18.26 33.33
C ALA C 79 -8.65 -17.77 33.99
N ILE C 80 -9.48 -17.09 33.22
CA ILE C 80 -10.81 -16.70 33.63
C ILE C 80 -11.62 -16.38 32.37
N ALA C 81 -12.87 -16.83 32.36
CA ALA C 81 -13.74 -16.75 31.23
C ALA C 81 -14.62 -15.51 31.39
N LEU C 82 -14.76 -14.73 30.32
CA LEU C 82 -15.47 -13.46 30.40
C LEU C 82 -16.52 -13.36 29.30
N GLU C 83 -17.74 -13.13 29.73
CA GLU C 83 -18.83 -13.17 28.81
C GLU C 83 -19.18 -11.74 28.46
N ALA C 84 -18.82 -11.29 27.27
CA ALA C 84 -19.28 -9.97 26.87
C ALA C 84 -19.46 -9.88 25.40
N ASP C 85 -20.48 -9.14 25.00
CA ASP C 85 -20.66 -8.69 23.64
C ASP C 85 -19.73 -7.48 23.44
N VAL C 86 -18.85 -7.61 22.48
CA VAL C 86 -17.73 -6.68 22.31
C VAL C 86 -18.15 -5.25 21.88
N SER C 87 -19.35 -5.10 21.34
CA SER C 87 -19.88 -3.80 20.93
C SER C 87 -20.58 -3.07 22.05
N ASP C 88 -20.72 -3.74 23.19
CA ASP C 88 -21.50 -3.21 24.29
C ASP C 88 -20.64 -2.57 25.36
N GLU C 89 -20.70 -1.23 25.51
CA GLU C 89 -19.89 -0.47 26.49
C GLU C 89 -19.85 -1.19 27.81
N LEU C 90 -21.04 -1.50 28.30
CA LEU C 90 -21.23 -1.87 29.69
C LEU C 90 -20.63 -3.23 29.99
N GLN C 91 -21.06 -4.24 29.25
CA GLN C 91 -20.48 -5.55 29.43
C GLN C 91 -18.94 -5.50 29.37
N MSE C 92 -18.40 -4.60 28.51
CA MSE C 92 -16.97 -4.55 28.22
C MSE C 92 -16.28 -3.91 29.37
O MSE C 92 -15.20 -4.35 29.76
CB MSE C 92 -16.70 -3.75 26.97
CG MSE C 92 -16.74 -4.52 25.64
SE MSE C 92 -15.71 -6.21 25.56
CE MSE C 92 -13.85 -5.56 25.42
N ARG C 93 -16.89 -2.90 29.95
CA ARG C 93 -16.31 -2.28 31.12
C ARG C 93 -16.28 -3.31 32.23
N ASN C 94 -17.39 -4.01 32.44
CA ASN C 94 -17.43 -5.04 33.50
C ASN C 94 -16.39 -6.10 33.23
N ALA C 95 -16.36 -6.56 31.98
CA ALA C 95 -15.45 -7.61 31.62
C ALA C 95 -14.03 -7.17 31.88
N VAL C 96 -13.73 -5.92 31.56
CA VAL C 96 -12.37 -5.48 31.80
C VAL C 96 -12.13 -5.30 33.31
N ARG C 97 -13.06 -4.66 34.02
CA ARG C 97 -12.92 -4.46 35.47
C ARG C 97 -12.66 -5.81 36.18
N ASP C 98 -13.43 -6.80 35.78
CA ASP C 98 -13.38 -8.06 36.42
C ASP C 98 -12.05 -8.75 36.16
N LEU C 99 -11.53 -8.66 34.93
CA LEU C 99 -10.24 -9.23 34.64
C LEU C 99 -9.13 -8.54 35.40
N VAL C 100 -9.18 -7.22 35.45
CA VAL C 100 -8.20 -6.51 36.26
C VAL C 100 -8.33 -6.77 37.76
N LEU C 101 -9.54 -6.78 38.30
CA LEU C 101 -9.73 -7.10 39.73
C LEU C 101 -9.30 -8.52 40.12
N LYS C 102 -9.32 -9.49 39.21
CA LYS C 102 -8.84 -10.83 39.59
C LYS C 102 -7.33 -11.02 39.41
N PHE C 103 -6.71 -10.41 38.40
CA PHE C 103 -5.29 -10.67 38.22
C PHE C 103 -4.30 -9.55 38.50
N GLY C 104 -4.80 -8.34 38.77
CA GLY C 104 -3.91 -7.22 39.11
C GLY C 104 -3.59 -6.21 38.02
N HIS C 105 -3.29 -6.69 36.80
CA HIS C 105 -2.75 -5.81 35.78
C HIS C 105 -3.12 -6.28 34.40
N LEU C 106 -2.80 -5.47 33.40
CA LEU C 106 -2.91 -5.87 32.00
C LEU C 106 -1.57 -5.72 31.25
N ASP C 107 -1.24 -6.67 30.37
CA ASP C 107 0.01 -6.63 29.61
C ASP C 107 -0.18 -6.83 28.15
N ILE C 108 -1.14 -7.67 27.79
CA ILE C 108 -1.36 -8.01 26.41
C ILE C 108 -2.85 -7.92 26.08
N VAL C 109 -3.14 -7.34 24.92
CA VAL C 109 -4.48 -7.38 24.37
C VAL C 109 -4.48 -7.99 22.97
N VAL C 110 -5.22 -9.08 22.78
CA VAL C 110 -5.52 -9.52 21.45
C VAL C 110 -6.99 -9.18 21.14
N ALA C 111 -7.19 -8.13 20.34
CA ALA C 111 -8.50 -7.76 19.80
C ALA C 111 -8.79 -8.58 18.56
N ASN C 112 -9.62 -9.61 18.74
CA ASN C 112 -9.84 -10.61 17.74
C ASN C 112 -11.32 -10.77 17.42
N ALA C 113 -12.18 -10.51 18.41
CA ALA C 113 -13.63 -10.62 18.24
C ALA C 113 -14.07 -9.98 16.94
N GLY C 114 -14.97 -10.67 16.21
CA GLY C 114 -15.62 -10.10 15.03
C GLY C 114 -16.56 -11.02 14.28
N ILE C 115 -17.24 -10.49 13.27
CA ILE C 115 -18.21 -11.27 12.51
C ILE C 115 -18.09 -11.00 11.01
N ASN C 116 -18.55 -11.92 10.16
CA ASN C 116 -18.60 -11.63 8.73
C ASN C 116 -19.83 -10.77 8.42
N GLY C 117 -20.84 -10.92 9.29
CA GLY C 117 -22.17 -10.28 9.13
C GLY C 117 -22.72 -10.65 7.77
N VAL C 118 -23.74 -9.96 7.29
CA VAL C 118 -24.25 -10.32 5.99
C VAL C 118 -23.41 -9.72 4.88
N TRP C 119 -23.11 -10.53 3.89
CA TRP C 119 -22.58 -10.10 2.62
C TRP C 119 -23.67 -10.12 1.59
N ALA C 120 -23.84 -9.01 0.90
CA ALA C 120 -24.89 -8.86 -0.10
C ALA C 120 -24.49 -7.70 -1.01
N PRO C 121 -25.15 -7.58 -2.16
CA PRO C 121 -24.91 -6.41 -3.01
C PRO C 121 -25.19 -5.11 -2.26
N ILE C 122 -24.40 -4.08 -2.54
CA ILE C 122 -24.48 -2.85 -1.76
C ILE C 122 -25.91 -2.31 -1.59
N ASP C 123 -26.73 -2.44 -2.65
CA ASP C 123 -28.17 -2.07 -2.67
C ASP C 123 -29.13 -3.01 -1.91
N ASP C 124 -28.67 -4.21 -1.58
CA ASP C 124 -29.45 -5.21 -0.84
C ASP C 124 -29.02 -5.31 0.63
N LEU C 125 -27.75 -5.01 0.91
CA LEU C 125 -27.29 -4.91 2.27
C LEU C 125 -28.17 -3.87 2.98
N LYS C 126 -28.82 -4.27 4.06
CA LYS C 126 -29.65 -3.35 4.79
C LYS C 126 -28.87 -2.45 5.76
N PRO C 127 -29.32 -1.20 5.92
CA PRO C 127 -28.78 -0.31 6.96
C PRO C 127 -28.50 -1.04 8.28
N PHE C 128 -29.45 -1.81 8.80
CA PHE C 128 -29.25 -2.42 10.11
C PHE C 128 -28.18 -3.53 10.08
N GLU C 129 -27.97 -4.10 8.89
CA GLU C 129 -27.00 -5.16 8.68
C GLU C 129 -25.62 -4.55 8.64
N TRP C 130 -25.51 -3.49 7.83
CA TRP C 130 -24.36 -2.62 7.88
C TRP C 130 -24.06 -2.17 9.30
N ASP C 131 -25.07 -1.69 10.05
CA ASP C 131 -24.77 -1.17 11.43
C ASP C 131 -24.16 -2.24 12.36
N GLU C 132 -24.55 -3.50 12.11
CA GLU C 132 -24.19 -4.59 12.99
C GLU C 132 -22.75 -5.05 12.76
N THR C 133 -22.35 -5.18 11.49
CA THR C 133 -20.96 -5.43 11.17
C THR C 133 -20.04 -4.32 11.74
N ILE C 134 -20.45 -3.06 11.58
CA ILE C 134 -19.65 -1.98 12.16
C ILE C 134 -19.66 -2.07 13.71
N ALA C 135 -20.81 -2.35 14.28
CA ALA C 135 -20.89 -2.41 15.71
C ALA C 135 -19.92 -3.44 16.23
N VAL C 136 -19.90 -4.61 15.65
CA VAL C 136 -19.07 -5.62 16.27
C VAL C 136 -17.61 -5.47 15.85
N ASN C 137 -17.31 -5.43 14.56
CA ASN C 137 -15.90 -5.44 14.19
C ASN C 137 -15.16 -4.12 14.49
N LEU C 138 -15.83 -2.98 14.27
CA LEU C 138 -15.17 -1.70 14.40
C LEU C 138 -15.37 -1.08 15.77
N ARG C 139 -16.62 -0.89 16.16
CA ARG C 139 -16.89 -0.31 17.47
C ARG C 139 -16.34 -1.23 18.56
N GLY C 140 -16.43 -2.52 18.34
CA GLY C 140 -15.86 -3.45 19.25
C GLY C 140 -14.36 -3.37 19.31
N THR C 141 -13.72 -3.05 18.20
CA THR C 141 -12.27 -2.85 18.28
C THR C 141 -11.98 -1.59 19.11
N PHE C 142 -12.72 -0.52 18.81
CA PHE C 142 -12.50 0.71 19.52
C PHE C 142 -12.60 0.43 21.00
N LEU C 143 -13.74 -0.10 21.42
CA LEU C 143 -14.01 -0.31 22.84
C LEU C 143 -12.93 -1.13 23.48
N THR C 144 -12.50 -2.19 22.79
CA THR C 144 -11.47 -3.07 23.32
C THR C 144 -10.22 -2.28 23.64
N LEU C 145 -9.77 -1.47 22.70
CA LEU C 145 -8.60 -0.63 22.97
C LEU C 145 -8.88 0.53 23.95
N HIS C 146 -10.00 1.22 23.75
CA HIS C 146 -10.46 2.27 24.65
C HIS C 146 -10.32 1.88 26.09
N LEU C 147 -10.64 0.65 26.45
CA LEU C 147 -10.65 0.31 27.88
C LEU C 147 -9.37 -0.32 28.46
N THR C 148 -8.47 -0.81 27.62
CA THR C 148 -7.32 -1.54 28.11
C THR C 148 -6.07 -0.66 28.14
N VAL C 149 -6.03 0.33 27.27
CA VAL C 149 -4.88 1.24 27.24
C VAL C 149 -4.52 1.86 28.61
N PRO C 150 -5.51 2.28 29.45
CA PRO C 150 -5.01 2.78 30.74
C PRO C 150 -4.28 1.73 31.56
N TYR C 151 -4.63 0.47 31.36
CA TYR C 151 -4.00 -0.48 32.23
C TYR C 151 -2.58 -0.77 31.77
N LEU C 152 -2.41 -0.77 30.44
CA LEU C 152 -1.12 -1.04 29.84
C LEU C 152 -0.16 0.15 30.10
N LYS C 153 -0.72 1.36 30.12
CA LYS C 153 0.04 2.52 30.53
C LYS C 153 0.47 2.36 31.96
N GLN C 154 -0.45 2.08 32.88
CA GLN C 154 -0.07 1.93 34.28
C GLN C 154 1.04 0.89 34.45
N ARG C 155 0.97 -0.20 33.71
CA ARG C 155 1.94 -1.26 33.85
C ARG C 155 3.27 -0.85 33.20
N GLY C 156 3.25 0.27 32.48
CA GLY C 156 4.46 0.83 31.87
C GLY C 156 4.82 0.25 30.51
N GLY C 157 3.91 -0.50 29.91
CA GLY C 157 4.09 -0.97 28.54
C GLY C 157 3.31 -2.23 28.31
N GLY C 158 3.23 -2.66 27.06
CA GLY C 158 2.64 -3.96 26.74
C GLY C 158 2.59 -4.15 25.26
N ALA C 159 1.75 -5.09 24.83
CA ALA C 159 1.70 -5.47 23.43
C ALA C 159 0.23 -5.64 22.99
N ILE C 160 -0.13 -5.06 21.85
CA ILE C 160 -1.47 -5.20 21.31
C ILE C 160 -1.36 -5.81 19.94
N VAL C 161 -2.21 -6.79 19.65
CA VAL C 161 -2.42 -7.19 18.29
C VAL C 161 -3.92 -7.09 17.99
N VAL C 162 -4.27 -6.47 16.85
CA VAL C 162 -5.62 -6.50 16.33
C VAL C 162 -5.67 -7.51 15.19
N VAL C 163 -6.67 -8.39 15.15
CA VAL C 163 -6.81 -9.34 14.01
C VAL C 163 -7.72 -8.82 12.88
N SER C 164 -7.09 -8.50 11.76
CA SER C 164 -7.77 -8.05 10.55
C SER C 164 -7.94 -9.22 9.63
N SER C 165 -7.71 -8.98 8.35
CA SER C 165 -7.92 -9.96 7.30
C SER C 165 -7.19 -9.50 6.03
N ILE C 166 -7.21 -10.35 4.98
CA ILE C 166 -6.81 -9.93 3.64
C ILE C 166 -7.90 -9.03 2.99
N ASN C 167 -9.17 -9.26 3.37
CA ASN C 167 -10.27 -8.38 3.01
C ASN C 167 -9.96 -7.00 3.48
N GLY C 168 -10.05 -6.02 2.58
CA GLY C 168 -9.86 -4.60 2.86
C GLY C 168 -8.41 -4.15 2.80
N THR C 169 -7.51 -5.11 2.86
CA THR C 169 -6.10 -4.82 2.87
C THR C 169 -5.46 -5.20 1.53
N ARG C 170 -5.50 -6.48 1.14
CA ARG C 170 -5.05 -6.92 -0.22
C ARG C 170 -6.18 -7.39 -1.15
N THR C 171 -7.33 -7.73 -0.57
CA THR C 171 -8.30 -8.55 -1.25
C THR C 171 -9.65 -7.90 -1.28
N PHE C 172 -10.21 -7.74 -2.46
CA PHE C 172 -11.43 -6.98 -2.55
C PHE C 172 -12.50 -7.73 -3.30
N THR C 173 -12.38 -9.06 -3.40
CA THR C 173 -13.28 -9.91 -4.25
C THR C 173 -14.32 -10.76 -3.48
N THR C 174 -14.08 -11.06 -2.21
CA THR C 174 -15.08 -11.70 -1.38
C THR C 174 -16.43 -11.00 -1.63
N PRO C 175 -17.42 -11.77 -2.13
CA PRO C 175 -18.75 -11.29 -2.66
C PRO C 175 -19.73 -10.54 -1.69
N GLY C 176 -20.03 -9.27 -1.98
CA GLY C 176 -20.93 -8.48 -1.16
C GLY C 176 -20.44 -8.22 0.27
N ALA C 177 -19.15 -8.40 0.47
CA ALA C 177 -18.50 -8.34 1.76
C ALA C 177 -18.09 -6.91 2.18
N THR C 178 -18.58 -5.93 1.43
CA THR C 178 -18.39 -4.50 1.70
C THR C 178 -18.25 -4.07 3.16
N ALA C 179 -19.29 -4.28 3.97
CA ALA C 179 -19.25 -3.85 5.36
C ALA C 179 -18.08 -4.46 6.07
N TYR C 180 -17.85 -5.75 5.82
CA TYR C 180 -16.76 -6.49 6.46
C TYR C 180 -15.40 -5.89 6.04
N THR C 181 -15.21 -5.77 4.71
CA THR C 181 -14.06 -5.11 4.09
C THR C 181 -13.73 -3.77 4.79
N ALA C 182 -14.66 -2.81 4.74
CA ALA C 182 -14.65 -1.62 5.60
C ALA C 182 -14.00 -1.78 6.96
N THR C 183 -14.56 -2.66 7.80
CA THR C 183 -14.07 -2.82 9.19
C THR C 183 -12.60 -3.31 9.25
N LYS C 184 -12.31 -4.28 8.39
CA LYS C 184 -10.98 -4.86 8.31
C LYS C 184 -9.98 -3.81 7.87
N ALA C 185 -10.35 -3.01 6.87
CA ALA C 185 -9.48 -1.90 6.44
C ALA C 185 -9.33 -0.83 7.53
N ALA C 186 -10.44 -0.55 8.23
CA ALA C 186 -10.40 0.40 9.35
C ALA C 186 -9.38 -0.01 10.41
N GLN C 187 -9.35 -1.30 10.71
CA GLN C 187 -8.58 -1.82 11.83
C GLN C 187 -7.13 -1.55 11.61
N VAL C 188 -6.66 -1.75 10.38
CA VAL C 188 -5.25 -1.54 10.09
C VAL C 188 -4.88 -0.08 10.30
N ALA C 189 -5.66 0.84 9.75
CA ALA C 189 -5.56 2.27 10.13
C ALA C 189 -5.47 2.54 11.67
N ILE C 190 -6.39 1.98 12.44
CA ILE C 190 -6.38 2.13 13.88
C ILE C 190 -4.99 1.73 14.37
N VAL C 191 -4.47 0.63 13.82
CA VAL C 191 -3.26 0.04 14.37
C VAL C 191 -2.07 0.99 14.20
N GLN C 192 -2.03 1.65 13.06
CA GLN C 192 -0.97 2.55 12.77
C GLN C 192 -1.09 3.86 13.55
N GLN C 193 -2.27 4.51 13.60
CA GLN C 193 -2.47 5.67 14.56
C GLN C 193 -1.92 5.33 15.95
N LEU C 194 -2.44 4.23 16.50
CA LEU C 194 -2.18 3.84 17.89
C LEU C 194 -0.72 3.43 18.14
N ALA C 195 -0.05 2.86 17.12
CA ALA C 195 1.36 2.59 17.25
C ALA C 195 2.12 3.88 17.58
N LEU C 196 1.81 4.96 16.84
CA LEU C 196 2.46 6.27 17.02
C LEU C 196 2.02 6.95 18.30
N GLU C 197 0.73 6.98 18.54
CA GLU C 197 0.19 7.62 19.73
C GLU C 197 0.74 7.01 21.01
N LEU C 198 0.92 5.69 21.00
CA LEU C 198 1.25 4.92 22.18
C LEU C 198 2.71 4.49 22.31
N GLY C 199 3.49 4.64 21.24
CA GLY C 199 4.93 4.34 21.27
C GLY C 199 5.64 4.82 22.52
N LYS C 200 5.48 6.10 22.86
CA LYS C 200 6.09 6.68 24.06
C LYS C 200 5.63 6.07 25.40
N HIS C 201 4.49 5.37 25.42
CA HIS C 201 4.10 4.61 26.60
C HIS C 201 4.61 3.21 26.59
N HIS C 202 5.45 2.89 25.58
CA HIS C 202 6.00 1.52 25.36
C HIS C 202 4.93 0.50 25.10
N ILE C 203 3.91 0.90 24.37
CA ILE C 203 2.91 -0.04 23.95
C ILE C 203 3.07 -0.26 22.45
N ARG C 204 3.31 -1.51 22.07
CA ARG C 204 3.45 -1.85 20.67
C ARG C 204 2.07 -2.27 20.18
N VAL C 205 1.68 -1.78 19.00
CA VAL C 205 0.41 -2.15 18.41
C VAL C 205 0.66 -2.69 17.02
N ASN C 206 0.30 -3.95 16.74
CA ASN C 206 0.42 -4.49 15.36
C ASN C 206 -0.85 -5.14 14.85
N ALA C 207 -0.95 -5.28 13.54
CA ALA C 207 -2.10 -5.88 12.91
C ALA C 207 -1.67 -7.20 12.28
N VAL C 208 -2.41 -8.26 12.59
CA VAL C 208 -2.23 -9.55 11.92
C VAL C 208 -3.32 -9.66 10.84
N CYS C 209 -2.99 -10.21 9.68
CA CYS C 209 -3.92 -10.26 8.56
C CYS C 209 -4.08 -11.63 7.89
N PRO C 210 -4.85 -12.54 8.51
CA PRO C 210 -4.94 -13.85 7.92
C PRO C 210 -5.79 -13.88 6.64
N GLY C 211 -5.45 -14.79 5.73
CA GLY C 211 -6.35 -15.17 4.66
C GLY C 211 -7.32 -16.17 5.28
N ALA C 212 -7.84 -17.12 4.49
CA ALA C 212 -8.84 -18.07 5.02
C ALA C 212 -8.21 -18.98 6.06
N ILE C 213 -8.87 -19.08 7.22
CA ILE C 213 -8.39 -19.92 8.31
C ILE C 213 -9.53 -20.83 8.73
N GLU C 214 -9.21 -22.12 8.87
CA GLU C 214 -10.18 -23.21 9.10
C GLU C 214 -11.13 -23.34 7.91
N THR C 215 -12.09 -22.44 7.85
CA THR C 215 -13.04 -22.33 6.78
C THR C 215 -12.47 -21.60 5.58
N ASN C 216 -12.95 -21.90 4.38
CA ASN C 216 -12.46 -21.14 3.22
C ASN C 216 -13.00 -19.70 3.05
N ILE C 217 -12.43 -19.00 2.06
CA ILE C 217 -12.56 -17.56 1.90
C ILE C 217 -13.96 -16.96 1.90
N SER C 218 -14.92 -17.65 1.33
CA SER C 218 -16.22 -17.04 1.09
C SER C 218 -17.38 -17.83 1.72
N ASP C 219 -17.07 -18.58 2.75
CA ASP C 219 -18.07 -19.38 3.41
C ASP C 219 -18.72 -18.55 4.52
N ASN C 220 -19.94 -18.08 4.26
CA ASN C 220 -20.68 -17.27 5.24
C ASN C 220 -22.17 -17.53 5.14
N THR C 221 -22.75 -18.21 6.14
CA THR C 221 -24.18 -18.60 6.02
C THR C 221 -25.16 -17.42 5.84
N LYS C 222 -24.64 -16.19 5.76
CA LYS C 222 -25.48 -15.00 5.59
C LYS C 222 -25.25 -14.27 4.27
N LEU C 223 -24.47 -14.91 3.39
CA LEU C 223 -24.24 -14.46 2.04
C LEU C 223 -25.55 -14.47 1.25
N ARG C 224 -25.87 -13.37 0.58
CA ARG C 224 -27.06 -13.34 -0.30
C ARG C 224 -26.60 -12.93 -1.69
N HIS C 225 -27.28 -13.42 -2.72
CA HIS C 225 -27.03 -13.06 -4.09
C HIS C 225 -25.55 -13.12 -4.53
N GLU C 226 -24.79 -14.10 -4.00
CA GLU C 226 -23.41 -14.32 -4.44
C GLU C 226 -23.22 -14.35 -5.98
N GLU C 227 -24.14 -15.02 -6.66
CA GLU C 227 -24.37 -14.86 -8.08
C GLU C 227 -24.02 -13.44 -8.53
N GLU C 228 -24.78 -12.47 -8.05
CA GLU C 228 -24.76 -11.10 -8.56
C GLU C 228 -23.49 -10.28 -8.22
N THR C 229 -22.71 -10.73 -7.24
CA THR C 229 -21.57 -9.95 -6.86
C THR C 229 -20.22 -10.59 -7.11
N ALA C 230 -20.08 -11.91 -6.99
CA ALA C 230 -18.75 -12.50 -7.26
C ALA C 230 -18.35 -12.24 -8.70
N ILE C 231 -17.08 -11.97 -8.91
CA ILE C 231 -16.58 -12.03 -10.26
C ILE C 231 -16.16 -13.47 -10.41
N PRO C 232 -16.74 -14.17 -11.41
CA PRO C 232 -16.50 -15.62 -11.61
C PRO C 232 -15.03 -15.92 -11.99
N VAL C 233 -14.47 -16.90 -11.28
CA VAL C 233 -13.07 -17.27 -11.40
C VAL C 233 -12.94 -18.76 -11.04
N GLU C 234 -11.97 -19.47 -11.64
CA GLU C 234 -11.66 -20.89 -11.29
C GLU C 234 -10.18 -21.12 -11.00
N TRP C 235 -9.91 -21.82 -9.91
CA TRP C 235 -8.54 -22.08 -9.45
C TRP C 235 -8.24 -23.57 -9.45
N PRO C 236 -7.84 -24.10 -10.62
CA PRO C 236 -7.56 -25.51 -10.80
C PRO C 236 -6.49 -26.06 -9.86
N LYS C 237 -5.47 -25.29 -9.49
CA LYS C 237 -4.50 -25.74 -8.47
C LYS C 237 -4.74 -25.14 -7.06
N GLY C 238 -5.93 -24.57 -6.87
CA GLY C 238 -6.24 -23.89 -5.62
C GLY C 238 -5.71 -22.47 -5.61
N GLN C 239 -5.98 -21.76 -4.52
CA GLN C 239 -5.52 -20.41 -4.39
C GLN C 239 -5.02 -20.14 -2.98
N VAL C 240 -4.28 -21.11 -2.42
CA VAL C 240 -3.46 -20.88 -1.23
C VAL C 240 -2.13 -21.57 -1.45
N PRO C 241 -1.24 -20.94 -2.24
CA PRO C 241 -0.06 -21.60 -2.82
C PRO C 241 0.77 -22.47 -1.88
N ILE C 242 0.98 -22.01 -0.66
CA ILE C 242 1.90 -22.68 0.24
C ILE C 242 1.32 -23.98 0.83
N THR C 243 0.00 -24.05 0.96
CA THR C 243 -0.70 -25.26 1.44
C THR C 243 -1.41 -25.84 0.23
N ASP C 244 -0.82 -25.59 -0.93
CA ASP C 244 -1.51 -25.73 -2.21
C ASP C 244 -2.99 -26.18 -2.05
N GLY C 245 -3.86 -25.24 -1.71
CA GLY C 245 -5.26 -25.56 -1.74
C GLY C 245 -6.04 -25.20 -0.52
N GLN C 246 -5.70 -25.78 0.62
CA GLN C 246 -6.58 -25.62 1.78
C GLN C 246 -6.21 -24.42 2.66
N PRO C 247 -7.14 -23.99 3.55
CA PRO C 247 -6.92 -22.81 4.37
C PRO C 247 -5.89 -23.12 5.43
N GLY C 248 -5.43 -22.09 6.12
CA GLY C 248 -4.48 -22.22 7.23
C GLY C 248 -5.08 -22.64 8.57
N ARG C 249 -4.22 -22.89 9.54
CA ARG C 249 -4.66 -23.44 10.82
C ARG C 249 -4.78 -22.29 11.83
N SER C 250 -5.80 -22.32 12.67
CA SER C 250 -5.85 -21.37 13.75
C SER C 250 -4.53 -21.31 14.50
N GLU C 251 -3.85 -22.46 14.67
CA GLU C 251 -2.63 -22.51 15.48
C GLU C 251 -1.50 -21.75 14.82
N ASP C 252 -1.58 -21.63 13.49
CA ASP C 252 -0.67 -20.82 12.70
C ASP C 252 -0.78 -19.38 13.12
N VAL C 253 -2.00 -18.86 13.07
CA VAL C 253 -2.16 -17.48 13.43
C VAL C 253 -1.72 -17.28 14.89
N ALA C 254 -2.12 -18.17 15.79
CA ALA C 254 -1.69 -18.15 17.19
C ALA C 254 -0.17 -17.99 17.36
N GLU C 255 0.58 -18.74 16.57
CA GLU C 255 2.03 -18.65 16.59
C GLU C 255 2.52 -17.24 16.27
N LEU C 256 1.83 -16.59 15.33
CA LEU C 256 2.26 -15.30 14.88
C LEU C 256 2.03 -14.27 15.96
N ILE C 257 0.83 -14.33 16.55
CA ILE C 257 0.46 -13.43 17.63
C ILE C 257 1.38 -13.62 18.81
N ARG C 258 1.67 -14.89 19.13
CA ARG C 258 2.61 -15.24 20.19
C ARG C 258 3.93 -14.53 19.96
N PHE C 259 4.46 -14.64 18.74
CA PHE C 259 5.70 -13.98 18.41
C PHE C 259 5.57 -12.45 18.57
N LEU C 260 4.51 -11.90 18.00
CA LEU C 260 4.28 -10.47 17.99
C LEU C 260 3.94 -9.85 19.34
N VAL C 261 3.50 -10.63 20.32
CA VAL C 261 3.27 -10.06 21.67
C VAL C 261 4.41 -10.43 22.64
N SER C 262 5.48 -11.00 22.08
CA SER C 262 6.61 -11.43 22.86
C SER C 262 7.71 -10.36 22.81
N GLU C 263 8.70 -10.53 23.68
CA GLU C 263 9.84 -9.62 23.75
C GLU C 263 10.75 -9.82 22.53
N ARG C 264 10.64 -10.99 21.91
CA ARG C 264 11.34 -11.25 20.67
C ARG C 264 11.02 -10.18 19.61
N ALA C 265 9.85 -9.56 19.74
CA ALA C 265 9.36 -8.56 18.79
C ALA C 265 9.35 -7.12 19.31
N ARG C 266 10.18 -6.87 20.31
CA ARG C 266 10.24 -5.55 20.98
C ARG C 266 10.34 -4.34 20.04
N HIS C 267 10.94 -4.50 18.87
CA HIS C 267 11.07 -3.37 17.97
C HIS C 267 10.00 -3.31 16.92
N VAL C 268 9.11 -4.28 16.87
CA VAL C 268 8.05 -4.28 15.85
C VAL C 268 6.81 -3.63 16.43
N THR C 269 6.40 -2.56 15.79
CA THR C 269 5.16 -1.89 16.13
C THR C 269 4.65 -1.10 14.94
N GLY C 270 3.35 -0.93 14.87
CA GLY C 270 2.77 -0.26 13.72
C GLY C 270 2.91 -1.06 12.43
N SER C 271 3.29 -2.33 12.50
CA SER C 271 3.31 -3.14 11.27
C SER C 271 2.14 -4.10 11.10
N PRO C 272 1.53 -4.11 9.91
CA PRO C 272 0.67 -5.22 9.54
C PRO C 272 1.51 -6.43 9.18
N VAL C 273 0.94 -7.63 9.31
CA VAL C 273 1.59 -8.87 8.85
C VAL C 273 0.60 -9.82 8.19
N TRP C 274 0.85 -10.19 6.94
CA TRP C 274 -0.09 -11.10 6.24
C TRP C 274 0.21 -12.57 6.36
N ILE C 275 -0.73 -13.31 6.95
CA ILE C 275 -0.58 -14.77 7.13
C ILE C 275 -1.64 -15.46 6.28
N ASP C 276 -1.41 -15.47 4.98
CA ASP C 276 -2.44 -15.86 4.03
C ASP C 276 -1.94 -16.97 3.09
N GLY C 277 -0.80 -17.58 3.43
CA GLY C 277 -0.16 -18.54 2.52
C GLY C 277 -0.03 -18.11 1.05
N GLY C 278 -0.08 -16.81 0.83
CA GLY C 278 -0.06 -16.28 -0.52
C GLY C 278 -1.44 -16.00 -1.10
N GLN C 279 -2.49 -16.38 -0.38
CA GLN C 279 -3.84 -16.25 -0.91
C GLN C 279 -4.20 -14.80 -1.15
N GLY C 280 -3.63 -13.92 -0.31
CA GLY C 280 -3.86 -12.48 -0.38
C GLY C 280 -3.41 -11.88 -1.70
N LEU C 281 -2.34 -12.44 -2.25
CA LEU C 281 -1.91 -11.97 -3.54
C LEU C 281 -2.78 -12.51 -4.66
N LEU C 282 -3.43 -13.63 -4.44
CA LEU C 282 -4.19 -14.23 -5.53
C LEU C 282 -5.51 -13.56 -5.63
N ARG C 283 -6.01 -13.08 -4.49
CA ARG C 283 -7.42 -12.68 -4.39
C ARG C 283 -7.66 -11.22 -4.06
N SER D 28 19.78 -31.79 10.30
CA SER D 28 19.47 -30.37 10.65
C SER D 28 19.88 -29.41 9.51
N PRO D 29 19.05 -28.36 9.26
CA PRO D 29 19.02 -27.65 7.96
C PRO D 29 20.10 -26.62 7.79
N VAL D 30 20.25 -26.14 6.57
CA VAL D 30 21.36 -25.31 6.21
C VAL D 30 20.86 -24.00 5.61
N ALA D 31 21.53 -22.90 6.00
CA ALA D 31 21.17 -21.55 5.59
C ALA D 31 22.35 -20.78 4.99
N LEU D 32 22.10 -20.11 3.87
CA LEU D 32 23.04 -19.11 3.34
C LEU D 32 22.62 -17.71 3.82
N ILE D 33 23.54 -16.95 4.39
CA ILE D 33 23.25 -15.59 4.77
C ILE D 33 24.20 -14.69 4.04
N THR D 34 23.68 -13.85 3.17
CA THR D 34 24.56 -12.86 2.54
C THR D 34 24.70 -11.63 3.44
N GLY D 35 25.75 -10.84 3.19
CA GLY D 35 26.09 -9.67 3.99
C GLY D 35 26.39 -10.01 5.44
N ALA D 36 26.91 -11.22 5.68
CA ALA D 36 26.95 -11.79 7.04
C ALA D 36 28.14 -11.35 7.92
N GLY D 37 28.97 -10.45 7.39
CA GLY D 37 30.21 -10.05 8.04
C GLY D 37 29.99 -9.20 9.28
N SER D 38 28.77 -8.69 9.40
CA SER D 38 28.44 -7.65 10.40
C SER D 38 26.97 -7.20 10.28
N GLY D 39 26.59 -6.24 11.10
CA GLY D 39 25.23 -5.74 11.17
C GLY D 39 24.18 -6.83 11.32
N ILE D 40 23.08 -6.63 10.62
CA ILE D 40 21.97 -7.55 10.61
C ILE D 40 22.44 -8.95 10.19
N GLY D 41 23.35 -8.99 9.23
CA GLY D 41 23.87 -10.27 8.76
C GLY D 41 24.45 -11.13 9.87
N ARG D 42 25.41 -10.56 10.60
CA ARG D 42 26.13 -11.29 11.61
C ARG D 42 25.13 -11.74 12.62
N ALA D 43 24.48 -10.79 13.28
CA ALA D 43 23.41 -11.09 14.23
C ALA D 43 22.51 -12.23 13.75
N THR D 44 22.21 -12.22 12.45
CA THR D 44 21.34 -13.22 11.89
C THR D 44 22.03 -14.60 11.86
N ALA D 45 23.27 -14.65 11.40
CA ALA D 45 24.04 -15.90 11.47
C ALA D 45 24.13 -16.48 12.90
N LEU D 46 24.38 -15.62 13.89
CA LEU D 46 24.47 -16.04 15.26
C LEU D 46 23.19 -16.65 15.77
N ALA D 47 22.09 -15.94 15.60
CA ALA D 47 20.79 -16.39 16.14
C ALA D 47 20.34 -17.70 15.51
N LEU D 48 20.52 -17.80 14.20
CA LEU D 48 20.21 -19.02 13.45
C LEU D 48 21.04 -20.22 13.85
N ALA D 49 22.28 -19.97 14.29
CA ALA D 49 23.16 -21.02 14.82
C ALA D 49 22.53 -21.51 16.12
N ALA D 50 22.39 -20.58 17.06
CA ALA D 50 21.69 -20.81 18.33
C ALA D 50 20.34 -21.52 18.17
N ASP D 51 20.15 -22.23 17.07
CA ASP D 51 18.90 -22.96 16.83
C ASP D 51 19.19 -24.26 16.11
N GLY D 52 20.45 -24.69 16.17
CA GLY D 52 20.90 -25.89 15.45
C GLY D 52 20.69 -25.73 13.96
N VAL D 53 21.20 -24.63 13.44
CA VAL D 53 21.13 -24.34 12.00
C VAL D 53 22.56 -24.07 11.59
N THR D 54 22.95 -24.80 10.56
CA THR D 54 24.28 -24.72 10.00
C THR D 54 24.29 -23.57 9.01
N VAL D 55 25.26 -22.66 9.18
CA VAL D 55 25.27 -21.40 8.46
C VAL D 55 26.41 -21.29 7.47
N GLY D 56 26.11 -20.83 6.25
CA GLY D 56 27.10 -20.30 5.34
C GLY D 56 27.13 -18.78 5.36
N ALA D 57 28.03 -18.20 6.17
CA ALA D 57 28.23 -16.75 6.24
C ALA D 57 29.00 -16.21 5.01
N LEU D 58 28.29 -15.52 4.12
CA LEU D 58 28.87 -14.98 2.88
C LEU D 58 29.00 -13.47 2.94
N GLY D 59 30.19 -12.97 2.74
CA GLY D 59 30.47 -11.54 2.86
C GLY D 59 31.43 -10.98 1.82
N ARG D 60 31.44 -9.66 1.72
CA ARG D 60 32.37 -8.95 0.88
C ARG D 60 33.81 -9.31 1.27
N THR D 61 34.12 -9.39 2.56
CA THR D 61 35.51 -9.55 3.01
C THR D 61 35.78 -10.69 4.03
N ARG D 62 36.41 -11.76 3.55
CA ARG D 62 36.68 -13.01 4.34
C ARG D 62 37.06 -12.87 5.82
N THR D 63 37.95 -11.94 6.16
CA THR D 63 38.44 -11.88 7.54
C THR D 63 37.24 -11.91 8.48
N GLU D 64 36.19 -11.16 8.12
CA GLU D 64 34.97 -11.00 8.91
C GLU D 64 34.10 -12.26 8.94
N VAL D 65 33.91 -12.86 7.79
CA VAL D 65 32.99 -13.99 7.76
C VAL D 65 33.62 -15.23 8.39
N GLU D 66 34.91 -15.45 8.18
CA GLU D 66 35.53 -16.54 8.91
C GLU D 66 35.53 -16.20 10.41
N GLU D 67 35.71 -14.93 10.76
CA GLU D 67 35.51 -14.53 12.17
C GLU D 67 34.13 -14.94 12.79
N VAL D 68 33.03 -14.79 12.06
CA VAL D 68 31.71 -15.21 12.58
C VAL D 68 31.58 -16.75 12.57
N ALA D 69 31.99 -17.36 11.46
CA ALA D 69 32.03 -18.82 11.34
C ALA D 69 32.85 -19.49 12.46
N ASP D 70 34.02 -18.93 12.77
CA ASP D 70 34.85 -19.42 13.89
C ASP D 70 34.03 -19.40 15.17
N GLU D 71 33.45 -18.24 15.45
CA GLU D 71 32.60 -18.05 16.64
C GLU D 71 31.39 -18.97 16.64
N ILE D 72 30.91 -19.37 15.47
CA ILE D 72 29.81 -20.33 15.44
C ILE D 72 30.27 -21.73 15.85
N VAL D 73 31.37 -22.21 15.24
CA VAL D 73 32.02 -23.48 15.64
C VAL D 73 32.69 -23.30 17.01
N GLY D 74 32.97 -24.41 17.69
CA GLY D 74 33.67 -24.33 18.98
C GLY D 74 32.82 -23.65 20.04
N ALA D 75 31.80 -22.94 19.58
CA ALA D 75 30.67 -22.57 20.43
C ALA D 75 29.50 -23.54 20.13
N GLY D 76 29.83 -24.77 19.76
CA GLY D 76 28.82 -25.79 19.56
C GLY D 76 28.41 -26.11 18.13
N GLY D 77 28.36 -25.08 17.27
CA GLY D 77 27.69 -25.19 15.96
C GLY D 77 28.53 -25.39 14.72
N GLN D 78 27.86 -25.73 13.63
CA GLN D 78 28.47 -25.96 12.31
C GLN D 78 28.40 -24.67 11.50
N ALA D 79 29.51 -24.27 10.86
CA ALA D 79 29.53 -23.06 10.01
C ALA D 79 30.72 -22.99 9.03
N ILE D 80 30.52 -22.31 7.91
CA ILE D 80 31.58 -22.01 6.92
C ILE D 80 31.56 -20.54 6.51
N ALA D 81 32.74 -19.95 6.32
CA ALA D 81 32.88 -18.58 5.78
C ALA D 81 33.07 -18.56 4.26
N LEU D 82 32.49 -17.56 3.60
CA LEU D 82 32.50 -17.47 2.15
C LEU D 82 32.74 -16.06 1.70
N GLU D 83 33.74 -15.88 0.84
CA GLU D 83 34.08 -14.55 0.36
C GLU D 83 33.53 -14.38 -1.06
N ALA D 84 32.89 -13.26 -1.33
CA ALA D 84 32.23 -13.09 -2.61
C ALA D 84 31.47 -11.79 -2.62
N ASP D 85 31.35 -11.26 -3.82
CA ASP D 85 30.61 -10.06 -4.05
C ASP D 85 29.35 -10.50 -4.75
N VAL D 86 28.22 -10.15 -4.13
CA VAL D 86 26.88 -10.52 -4.57
C VAL D 86 26.54 -10.14 -6.00
N SER D 87 27.23 -9.15 -6.55
CA SER D 87 26.86 -8.63 -7.84
C SER D 87 27.62 -9.37 -8.94
N ASP D 88 28.47 -10.31 -8.53
CA ASP D 88 29.32 -10.98 -9.47
C ASP D 88 28.82 -12.39 -9.66
N GLU D 89 28.50 -12.70 -10.91
CA GLU D 89 27.89 -13.98 -11.20
C GLU D 89 28.79 -15.15 -10.76
N LEU D 90 30.05 -15.15 -11.23
CA LEU D 90 30.93 -16.29 -11.03
C LEU D 90 31.14 -16.62 -9.56
N GLN D 91 31.57 -15.62 -8.78
CA GLN D 91 31.82 -15.80 -7.34
C GLN D 91 30.60 -16.34 -6.61
N MSE D 92 29.41 -15.85 -6.97
CA MSE D 92 28.18 -16.32 -6.34
C MSE D 92 27.99 -17.76 -6.70
O MSE D 92 27.86 -18.61 -5.79
CB MSE D 92 26.98 -15.43 -6.66
CG MSE D 92 27.03 -14.12 -5.88
SE MSE D 92 26.88 -14.38 -3.92
CE MSE D 92 25.08 -15.18 -3.89
N ARG D 93 28.00 -18.06 -8.01
CA ARG D 93 27.94 -19.46 -8.48
C ARG D 93 28.97 -20.29 -7.74
N ASN D 94 30.19 -19.76 -7.63
CA ASN D 94 31.29 -20.44 -6.91
C ASN D 94 30.86 -20.78 -5.50
N ALA D 95 30.76 -19.76 -4.67
CA ALA D 95 30.41 -19.88 -3.25
C ALA D 95 29.14 -20.69 -2.89
N VAL D 96 28.12 -20.69 -3.75
CA VAL D 96 26.94 -21.51 -3.45
C VAL D 96 27.32 -22.97 -3.66
N ARG D 97 28.03 -23.25 -4.75
CA ARG D 97 28.62 -24.56 -4.99
C ARG D 97 29.42 -24.99 -3.76
N ASP D 98 30.37 -24.18 -3.35
CA ASP D 98 31.20 -24.50 -2.19
C ASP D 98 30.41 -24.88 -0.92
N LEU D 99 29.24 -24.27 -0.69
CA LEU D 99 28.39 -24.54 0.48
C LEU D 99 27.51 -25.79 0.37
N VAL D 100 27.07 -26.12 -0.84
CA VAL D 100 26.37 -27.40 -1.02
C VAL D 100 27.34 -28.58 -0.84
N LEU D 101 28.51 -28.51 -1.50
CA LEU D 101 29.54 -29.52 -1.34
C LEU D 101 29.84 -29.80 0.12
N LYS D 102 30.06 -28.76 0.93
CA LYS D 102 30.35 -29.01 2.35
C LYS D 102 29.16 -29.52 3.21
N PHE D 103 27.92 -29.25 2.84
CA PHE D 103 26.83 -29.70 3.71
C PHE D 103 25.69 -30.39 2.98
N GLY D 104 25.80 -30.44 1.66
CA GLY D 104 24.93 -31.31 0.84
C GLY D 104 23.60 -30.75 0.40
N HIS D 105 23.12 -29.70 1.06
CA HIS D 105 21.83 -29.07 0.74
C HIS D 105 21.73 -27.64 1.16
N LEU D 106 20.62 -27.03 0.73
CA LEU D 106 20.25 -25.67 1.12
C LEU D 106 18.81 -25.65 1.54
N ASP D 107 18.55 -25.04 2.69
CA ASP D 107 17.18 -24.91 3.14
C ASP D 107 16.67 -23.49 3.24
N ILE D 108 17.59 -22.57 3.53
CA ILE D 108 17.27 -21.23 3.99
C ILE D 108 18.22 -20.23 3.34
N VAL D 109 17.67 -19.30 2.59
CA VAL D 109 18.46 -18.18 2.08
C VAL D 109 17.98 -16.92 2.77
N VAL D 110 18.92 -16.12 3.28
CA VAL D 110 18.66 -14.76 3.78
C VAL D 110 19.44 -13.77 2.94
N ALA D 111 18.77 -13.12 1.98
CA ALA D 111 19.39 -12.08 1.13
C ALA D 111 19.44 -10.76 1.84
N ASN D 112 20.63 -10.36 2.24
CA ASN D 112 20.77 -9.27 3.15
C ASN D 112 21.98 -8.37 2.85
N ALA D 113 22.54 -8.48 1.64
CA ALA D 113 23.68 -7.65 1.32
C ALA D 113 23.23 -6.39 0.58
N GLY D 114 23.63 -5.23 1.06
CA GLY D 114 23.41 -3.99 0.31
C GLY D 114 24.46 -2.93 0.60
N ILE D 115 24.53 -1.90 -0.24
CA ILE D 115 25.25 -0.70 0.17
C ILE D 115 24.18 0.36 0.32
N ASN D 116 24.52 1.46 0.97
CA ASN D 116 23.75 2.66 0.88
C ASN D 116 24.00 3.30 -0.45
N GLY D 117 25.27 3.26 -0.89
CA GLY D 117 25.71 3.80 -2.16
C GLY D 117 25.64 5.32 -2.08
N VAL D 118 25.88 6.00 -3.20
CA VAL D 118 25.78 7.44 -3.23
C VAL D 118 24.33 7.93 -3.12
N TRP D 119 24.11 8.90 -2.22
CA TRP D 119 22.85 9.63 -2.14
C TRP D 119 23.15 11.03 -2.57
N ALA D 120 22.42 11.51 -3.57
CA ALA D 120 22.62 12.84 -4.07
C ALA D 120 21.38 13.28 -4.82
N PRO D 121 21.26 14.59 -5.08
CA PRO D 121 20.15 15.07 -5.94
C PRO D 121 20.10 14.25 -7.21
N ILE D 122 18.92 14.02 -7.77
CA ILE D 122 18.80 13.18 -8.95
C ILE D 122 19.52 13.87 -10.08
N ASP D 123 19.52 15.20 -9.95
CA ASP D 123 20.25 16.14 -10.76
C ASP D 123 21.76 15.80 -10.83
N ASP D 124 22.33 15.40 -9.70
CA ASP D 124 23.77 15.39 -9.50
C ASP D 124 24.36 13.98 -9.30
N LEU D 125 23.53 13.01 -8.93
CA LEU D 125 23.91 11.59 -8.85
C LEU D 125 24.41 11.11 -10.22
N LYS D 126 25.47 10.31 -10.25
CA LYS D 126 26.09 9.97 -11.53
C LYS D 126 25.86 8.53 -12.01
N PRO D 127 25.75 8.34 -13.32
CA PRO D 127 25.46 7.02 -13.86
C PRO D 127 26.18 5.84 -13.25
N PHE D 128 27.48 5.94 -12.99
CA PHE D 128 28.17 4.77 -12.41
C PHE D 128 27.73 4.54 -11.00
N GLU D 129 27.40 5.63 -10.30
CA GLU D 129 27.08 5.61 -8.88
C GLU D 129 25.75 4.93 -8.77
N TRP D 130 24.80 5.46 -9.56
CA TRP D 130 23.51 4.78 -9.74
C TRP D 130 23.73 3.32 -10.06
N ASP D 131 24.65 3.05 -11.00
CA ASP D 131 24.81 1.71 -11.51
C ASP D 131 25.25 0.80 -10.41
N GLU D 132 26.13 1.32 -9.55
CA GLU D 132 26.72 0.50 -8.52
C GLU D 132 25.70 0.04 -7.47
N THR D 133 24.80 0.95 -7.07
CA THR D 133 23.75 0.64 -6.14
C THR D 133 22.76 -0.35 -6.75
N ILE D 134 22.59 -0.34 -8.06
CA ILE D 134 21.76 -1.38 -8.65
C ILE D 134 22.46 -2.75 -8.59
N ALA D 135 23.77 -2.77 -8.91
CA ALA D 135 24.55 -4.00 -8.92
C ALA D 135 24.50 -4.71 -7.57
N VAL D 136 24.94 -4.03 -6.51
CA VAL D 136 24.98 -4.67 -5.22
C VAL D 136 23.59 -5.07 -4.68
N ASN D 137 22.63 -4.14 -4.70
CA ASN D 137 21.37 -4.38 -4.01
C ASN D 137 20.39 -5.17 -4.87
N LEU D 138 20.19 -4.74 -6.12
CA LEU D 138 19.24 -5.39 -7.01
C LEU D 138 19.80 -6.66 -7.70
N ARG D 139 20.87 -6.52 -8.48
CA ARG D 139 21.47 -7.67 -9.14
C ARG D 139 21.95 -8.67 -8.11
N GLY D 140 22.47 -8.18 -7.00
CA GLY D 140 22.89 -9.05 -5.92
C GLY D 140 21.76 -9.99 -5.56
N THR D 141 20.61 -9.41 -5.28
CA THR D 141 19.49 -10.21 -4.81
C THR D 141 18.96 -11.14 -5.91
N PHE D 142 18.99 -10.70 -7.16
CA PHE D 142 18.57 -11.58 -8.23
C PHE D 142 19.47 -12.80 -8.30
N LEU D 143 20.78 -12.56 -8.34
CA LEU D 143 21.76 -13.64 -8.29
C LEU D 143 21.61 -14.57 -7.08
N THR D 144 21.49 -14.01 -5.87
CA THR D 144 21.42 -14.80 -4.65
C THR D 144 20.30 -15.81 -4.71
N LEU D 145 19.23 -15.48 -5.42
CA LEU D 145 18.07 -16.33 -5.48
C LEU D 145 18.17 -17.17 -6.73
N HIS D 146 18.80 -16.62 -7.76
CA HIS D 146 18.98 -17.34 -9.02
C HIS D 146 19.63 -18.67 -8.84
N LEU D 147 20.65 -18.68 -7.99
CA LEU D 147 21.49 -19.83 -7.87
C LEU D 147 21.21 -20.65 -6.64
N THR D 148 20.16 -20.34 -5.90
CA THR D 148 19.87 -21.08 -4.67
C THR D 148 18.49 -21.70 -4.69
N VAL D 149 17.56 -21.03 -5.35
CA VAL D 149 16.25 -21.59 -5.60
C VAL D 149 16.38 -23.04 -6.07
N PRO D 150 17.27 -23.32 -7.06
CA PRO D 150 17.29 -24.70 -7.60
C PRO D 150 17.57 -25.75 -6.51
N TYR D 151 18.56 -25.51 -5.66
CA TYR D 151 18.83 -26.44 -4.57
C TYR D 151 17.66 -26.54 -3.59
N LEU D 152 16.97 -25.42 -3.35
CA LEU D 152 15.81 -25.40 -2.46
C LEU D 152 14.67 -26.20 -3.03
N LYS D 153 14.44 -26.12 -4.34
CA LYS D 153 13.39 -26.95 -4.97
C LYS D 153 13.70 -28.43 -4.79
N GLN D 154 14.92 -28.82 -5.15
CA GLN D 154 15.45 -30.16 -4.93
C GLN D 154 15.24 -30.64 -3.48
N ARG D 155 15.55 -29.79 -2.51
CA ARG D 155 15.24 -30.11 -1.10
C ARG D 155 13.74 -30.28 -0.88
N GLY D 156 12.91 -29.93 -1.87
CA GLY D 156 11.46 -29.99 -1.72
C GLY D 156 10.78 -28.86 -0.91
N GLY D 157 11.54 -27.81 -0.65
CA GLY D 157 11.04 -26.62 0.00
C GLY D 157 12.06 -26.04 0.96
N GLY D 158 11.82 -24.77 1.31
CA GLY D 158 12.64 -24.05 2.29
C GLY D 158 12.07 -22.68 2.59
N ALA D 159 12.89 -21.78 3.11
CA ALA D 159 12.45 -20.43 3.47
C ALA D 159 13.43 -19.39 2.95
N ILE D 160 12.88 -18.32 2.35
CA ILE D 160 13.70 -17.19 1.91
C ILE D 160 13.22 -15.95 2.63
N VAL D 161 14.16 -15.15 3.14
CA VAL D 161 13.85 -13.77 3.52
C VAL D 161 14.83 -12.76 2.91
N VAL D 162 14.29 -11.68 2.34
CA VAL D 162 15.10 -10.60 1.76
C VAL D 162 14.96 -9.38 2.65
N VAL D 163 16.08 -8.77 3.03
CA VAL D 163 16.11 -7.63 3.94
C VAL D 163 16.00 -6.36 3.13
N SER D 164 14.87 -5.67 3.29
CA SER D 164 14.59 -4.46 2.51
C SER D 164 14.81 -3.26 3.42
N SER D 165 13.87 -2.33 3.46
CA SER D 165 14.02 -1.13 4.27
C SER D 165 12.72 -0.35 4.26
N ILE D 166 12.55 0.54 5.23
CA ILE D 166 11.44 1.48 5.20
C ILE D 166 11.58 2.37 3.97
N ASN D 167 12.83 2.60 3.55
CA ASN D 167 13.08 3.29 2.30
C ASN D 167 12.46 2.54 1.09
N GLY D 168 11.60 3.23 0.34
CA GLY D 168 10.99 2.64 -0.83
C GLY D 168 9.70 1.92 -0.52
N THR D 169 9.50 1.56 0.74
CA THR D 169 8.24 0.96 1.17
C THR D 169 7.34 1.98 1.85
N ARG D 170 7.79 2.56 2.98
CA ARG D 170 6.99 3.55 3.70
C ARG D 170 7.62 4.90 3.80
N THR D 171 8.84 5.03 3.34
CA THR D 171 9.65 6.20 3.60
C THR D 171 10.38 6.73 2.36
N PHE D 172 10.34 8.04 2.20
CA PHE D 172 10.72 8.65 0.93
C PHE D 172 11.46 9.99 1.10
N THR D 173 11.91 10.29 2.31
CA THR D 173 12.47 11.59 2.66
C THR D 173 13.99 11.49 2.93
N THR D 174 14.53 10.28 2.91
CA THR D 174 15.96 10.11 3.05
C THR D 174 16.72 10.81 1.89
N PRO D 175 17.50 11.85 2.22
CA PRO D 175 17.92 12.84 1.22
C PRO D 175 18.74 12.23 0.08
N GLY D 176 18.20 12.31 -1.14
CA GLY D 176 18.95 11.84 -2.30
C GLY D 176 19.14 10.34 -2.45
N ALA D 177 18.41 9.56 -1.66
CA ALA D 177 18.56 8.09 -1.59
C ALA D 177 17.82 7.36 -2.68
N THR D 178 17.37 8.08 -3.69
CA THR D 178 16.64 7.50 -4.80
C THR D 178 17.11 6.11 -5.22
N ALA D 179 18.43 5.95 -5.43
CA ALA D 179 18.93 4.71 -5.96
C ALA D 179 18.64 3.63 -4.99
N TYR D 180 19.11 3.82 -3.77
CA TYR D 180 18.83 2.89 -2.70
C TYR D 180 17.32 2.58 -2.67
N THR D 181 16.50 3.63 -2.64
CA THR D 181 15.06 3.50 -2.52
C THR D 181 14.48 2.65 -3.64
N ALA D 182 14.89 2.93 -4.88
CA ALA D 182 14.56 2.07 -6.01
C ALA D 182 14.78 0.57 -5.74
N THR D 183 15.97 0.22 -5.29
CA THR D 183 16.29 -1.18 -5.10
C THR D 183 15.55 -1.79 -3.90
N LYS D 184 15.40 -1.03 -2.81
CA LYS D 184 14.65 -1.53 -1.64
C LYS D 184 13.19 -1.77 -2.00
N ALA D 185 12.60 -0.83 -2.75
CA ALA D 185 11.25 -1.05 -3.29
C ALA D 185 11.15 -2.28 -4.22
N ALA D 186 12.08 -2.43 -5.17
CA ALA D 186 12.09 -3.63 -6.02
C ALA D 186 12.19 -4.90 -5.24
N GLN D 187 12.96 -4.93 -4.14
CA GLN D 187 13.08 -6.17 -3.37
C GLN D 187 11.70 -6.68 -2.93
N VAL D 188 10.86 -5.81 -2.36
CA VAL D 188 9.51 -6.21 -1.93
C VAL D 188 8.68 -6.76 -3.08
N ALA D 189 8.73 -6.10 -4.23
CA ALA D 189 8.05 -6.61 -5.43
C ALA D 189 8.49 -8.04 -5.76
N ILE D 190 9.82 -8.23 -5.80
CA ILE D 190 10.42 -9.54 -6.05
C ILE D 190 9.90 -10.58 -5.03
N VAL D 191 9.94 -10.23 -3.75
CA VAL D 191 9.47 -11.14 -2.76
C VAL D 191 8.08 -11.67 -3.10
N GLN D 192 7.16 -10.76 -3.39
CA GLN D 192 5.78 -11.12 -3.67
C GLN D 192 5.63 -11.93 -4.97
N GLN D 193 6.27 -11.51 -6.09
CA GLN D 193 6.28 -12.36 -7.31
C GLN D 193 6.74 -13.80 -7.04
N LEU D 194 7.88 -13.95 -6.36
CA LEU D 194 8.43 -15.28 -6.18
C LEU D 194 7.67 -16.03 -5.13
N ALA D 195 6.96 -15.32 -4.26
CA ALA D 195 6.18 -16.02 -3.24
C ALA D 195 5.11 -16.85 -3.89
N LEU D 196 4.59 -16.38 -5.02
CA LEU D 196 3.55 -17.07 -5.79
C LEU D 196 4.15 -18.06 -6.77
N GLU D 197 5.34 -17.77 -7.26
CA GLU D 197 5.98 -18.65 -8.20
C GLU D 197 6.47 -19.92 -7.47
N LEU D 198 6.86 -19.78 -6.22
CA LEU D 198 7.55 -20.86 -5.53
C LEU D 198 6.66 -21.54 -4.46
N GLY D 199 5.38 -21.18 -4.44
CA GLY D 199 4.42 -21.71 -3.48
C GLY D 199 4.22 -23.19 -3.62
N LYS D 200 4.03 -23.65 -4.86
CA LYS D 200 3.94 -25.07 -5.13
C LYS D 200 5.20 -25.84 -4.79
N HIS D 201 6.37 -25.19 -4.82
CA HIS D 201 7.59 -25.88 -4.39
C HIS D 201 7.78 -25.81 -2.90
N HIS D 202 6.76 -25.38 -2.19
CA HIS D 202 6.81 -25.21 -0.72
C HIS D 202 7.98 -24.38 -0.28
N ILE D 203 8.27 -23.34 -1.06
CA ILE D 203 9.23 -22.34 -0.64
C ILE D 203 8.50 -21.04 -0.21
N ARG D 204 8.63 -20.72 1.07
CA ARG D 204 8.09 -19.48 1.58
C ARG D 204 9.09 -18.35 1.34
N VAL D 205 8.54 -17.17 0.96
CA VAL D 205 9.37 -16.01 0.60
C VAL D 205 8.86 -14.75 1.31
N ASN D 206 9.67 -14.19 2.19
CA ASN D 206 9.24 -13.00 2.93
C ASN D 206 10.21 -11.82 2.91
N ALA D 207 9.66 -10.63 3.18
CA ALA D 207 10.44 -9.40 3.27
C ALA D 207 10.57 -8.90 4.70
N VAL D 208 11.70 -8.26 4.98
CA VAL D 208 11.89 -7.58 6.23
C VAL D 208 12.23 -6.11 5.91
N CYS D 209 11.62 -5.17 6.63
CA CYS D 209 11.80 -3.80 6.31
C CYS D 209 12.14 -3.01 7.58
N PRO D 210 13.46 -2.95 7.91
CA PRO D 210 13.96 -2.24 9.07
C PRO D 210 13.92 -0.76 8.87
N GLY D 211 13.66 -0.07 9.97
CA GLY D 211 13.98 1.34 10.05
C GLY D 211 15.47 1.42 10.35
N ALA D 212 15.84 2.39 11.15
CA ALA D 212 17.23 2.62 11.48
C ALA D 212 17.73 1.50 12.41
N ILE D 213 18.80 0.84 12.00
CA ILE D 213 19.39 -0.21 12.84
C ILE D 213 20.85 0.14 13.15
N GLU D 214 21.22 0.05 14.42
CA GLU D 214 22.56 0.45 14.92
C GLU D 214 22.84 1.93 14.68
N THR D 215 22.45 2.45 13.53
CA THR D 215 22.88 3.77 13.11
C THR D 215 21.76 4.69 12.61
N ASN D 216 21.93 6.01 12.72
CA ASN D 216 20.93 6.95 12.23
C ASN D 216 20.64 6.78 10.76
N ILE D 217 19.42 7.16 10.38
CA ILE D 217 18.84 6.79 9.10
C ILE D 217 19.43 7.57 7.90
N SER D 218 19.86 8.80 8.13
CA SER D 218 20.57 9.60 7.11
C SER D 218 22.10 9.56 7.28
N ASP D 219 22.57 8.62 8.09
CA ASP D 219 23.99 8.46 8.31
C ASP D 219 24.57 7.66 7.14
N ASN D 220 25.36 8.36 6.31
CA ASN D 220 25.95 7.81 5.11
C ASN D 220 27.05 8.74 4.67
N THR D 221 28.28 8.21 4.63
CA THR D 221 29.44 9.04 4.26
C THR D 221 29.55 9.38 2.80
N LYS D 222 28.72 8.77 1.96
CA LYS D 222 28.69 9.07 0.50
C LYS D 222 27.46 9.90 0.09
N LEU D 223 26.88 10.60 1.06
CA LEU D 223 25.73 11.43 0.87
C LEU D 223 26.23 12.85 0.60
N ARG D 224 25.86 13.46 -0.53
CA ARG D 224 26.14 14.93 -0.74
C ARG D 224 24.88 15.75 -0.90
N HIS D 225 25.06 17.05 -0.80
CA HIS D 225 23.98 18.02 -0.93
C HIS D 225 22.74 17.74 -0.13
N GLU D 226 22.99 17.29 1.10
CA GLU D 226 21.94 17.02 2.06
C GLU D 226 20.94 18.15 2.15
N GLU D 227 21.41 19.39 2.33
CA GLU D 227 20.49 20.54 2.44
C GLU D 227 19.67 20.83 1.17
N GLU D 228 20.18 20.41 0.02
CA GLU D 228 19.48 20.66 -1.25
C GLU D 228 18.32 19.69 -1.39
N THR D 229 18.53 18.55 -0.79
CA THR D 229 17.70 17.41 -1.06
C THR D 229 16.68 17.13 0.10
N ALA D 230 17.13 17.38 1.34
CA ALA D 230 16.38 17.04 2.54
C ALA D 230 15.33 18.13 2.74
N ILE D 231 14.14 17.69 3.17
CA ILE D 231 13.14 18.65 3.54
C ILE D 231 13.43 18.93 5.03
N PRO D 232 13.74 20.19 5.37
CA PRO D 232 14.12 20.31 6.78
C PRO D 232 12.94 20.00 7.76
N VAL D 233 13.29 19.27 8.82
CA VAL D 233 12.40 18.76 9.84
C VAL D 233 13.13 18.61 11.19
N GLU D 234 12.49 18.99 12.29
CA GLU D 234 13.07 18.80 13.62
C GLU D 234 12.17 17.88 14.41
N TRP D 235 12.74 16.80 14.96
CA TRP D 235 12.01 15.87 15.84
C TRP D 235 12.38 16.05 17.31
N PRO D 236 11.75 17.02 18.00
CA PRO D 236 12.20 17.41 19.35
C PRO D 236 12.20 16.29 20.36
N LYS D 237 11.55 15.18 20.04
CA LYS D 237 11.53 14.04 20.92
C LYS D 237 11.87 12.72 20.23
N GLY D 238 12.64 12.75 19.15
CA GLY D 238 12.98 11.51 18.42
C GLY D 238 12.02 11.13 17.29
N GLN D 239 12.42 10.17 16.47
CA GLN D 239 11.54 9.68 15.46
C GLN D 239 11.66 8.19 15.36
N VAL D 240 11.92 7.58 16.51
CA VAL D 240 11.67 6.15 16.68
C VAL D 240 10.86 5.91 17.98
N PRO D 241 9.53 5.95 17.89
CA PRO D 241 8.63 5.94 19.03
C PRO D 241 8.89 4.93 20.13
N ILE D 242 9.20 3.68 19.79
CA ILE D 242 9.19 2.63 20.82
C ILE D 242 10.49 2.61 21.65
N THR D 243 11.41 3.49 21.27
CA THR D 243 12.74 3.44 21.79
C THR D 243 13.14 4.80 22.30
N ASP D 244 12.18 5.68 22.45
CA ASP D 244 12.46 7.10 22.62
C ASP D 244 13.60 7.57 21.71
N GLY D 245 13.58 7.06 20.48
CA GLY D 245 14.30 7.70 19.40
C GLY D 245 15.63 7.10 19.07
N GLN D 246 16.03 6.03 19.75
CA GLN D 246 17.29 5.34 19.44
C GLN D 246 17.09 4.31 18.33
N PRO D 247 18.03 4.21 17.39
CA PRO D 247 17.90 3.23 16.31
C PRO D 247 17.66 1.81 16.82
N GLY D 248 17.02 0.96 16.03
CA GLY D 248 16.82 -0.43 16.43
C GLY D 248 18.13 -1.16 16.48
N ARG D 249 18.12 -2.35 17.09
CA ARG D 249 19.30 -3.20 17.24
C ARG D 249 19.32 -4.38 16.26
N SER D 250 20.52 -4.76 15.80
CA SER D 250 20.68 -5.82 14.79
C SER D 250 20.03 -7.12 15.23
N GLU D 251 20.16 -7.41 16.52
CA GLU D 251 19.63 -8.65 17.08
C GLU D 251 18.13 -8.64 16.91
N ASP D 252 17.53 -7.44 17.01
CA ASP D 252 16.10 -7.27 16.83
C ASP D 252 15.66 -7.87 15.49
N VAL D 253 16.37 -7.48 14.42
CA VAL D 253 15.96 -7.80 13.06
C VAL D 253 16.21 -9.27 12.87
N ALA D 254 17.36 -9.70 13.39
CA ALA D 254 17.73 -11.09 13.37
C ALA D 254 16.63 -11.95 13.94
N GLU D 255 16.05 -11.50 15.05
CA GLU D 255 15.07 -12.31 15.74
C GLU D 255 13.85 -12.56 14.87
N LEU D 256 13.44 -11.52 14.15
CA LEU D 256 12.34 -11.62 13.22
C LEU D 256 12.68 -12.52 12.04
N ILE D 257 13.86 -12.32 11.45
CA ILE D 257 14.33 -13.26 10.44
C ILE D 257 14.22 -14.72 10.96
N ARG D 258 14.79 -14.95 12.15
CA ARG D 258 14.73 -16.26 12.83
C ARG D 258 13.29 -16.75 12.93
N PHE D 259 12.34 -15.87 13.23
CA PHE D 259 10.95 -16.32 13.21
C PHE D 259 10.47 -16.71 11.81
N LEU D 260 10.82 -15.89 10.82
CA LEU D 260 10.33 -16.08 9.48
C LEU D 260 10.87 -17.33 8.72
N VAL D 261 11.98 -17.88 9.17
CA VAL D 261 12.57 -19.07 8.54
C VAL D 261 12.18 -20.36 9.25
N SER D 262 11.66 -20.23 10.47
CA SER D 262 11.31 -21.38 11.27
C SER D 262 9.96 -21.92 10.79
N GLU D 263 9.64 -23.14 11.22
CA GLU D 263 8.31 -23.72 10.93
C GLU D 263 7.20 -23.14 11.85
N ARG D 264 7.59 -22.23 12.73
CA ARG D 264 6.64 -21.45 13.52
C ARG D 264 5.82 -20.53 12.59
N ALA D 265 6.37 -20.27 11.40
CA ALA D 265 5.74 -19.40 10.39
C ALA D 265 5.36 -20.13 9.09
N ARG D 266 5.11 -21.44 9.19
CA ARG D 266 4.70 -22.24 8.00
C ARG D 266 3.70 -21.53 7.05
N HIS D 267 2.80 -20.70 7.58
CA HIS D 267 1.75 -20.16 6.72
C HIS D 267 2.01 -18.77 6.19
N VAL D 268 3.13 -18.16 6.62
CA VAL D 268 3.48 -16.79 6.23
C VAL D 268 4.37 -16.79 5.02
N THR D 269 3.85 -16.24 3.92
CA THR D 269 4.62 -16.12 2.69
C THR D 269 4.05 -14.97 1.86
N GLY D 270 4.97 -14.28 1.21
CA GLY D 270 4.64 -13.17 0.36
C GLY D 270 4.30 -11.96 1.17
N SER D 271 4.60 -11.98 2.45
CA SER D 271 4.35 -10.79 3.28
C SER D 271 5.61 -9.91 3.56
N PRO D 272 5.41 -8.56 3.58
CA PRO D 272 6.42 -7.70 4.18
C PRO D 272 6.18 -7.63 5.67
N VAL D 273 7.25 -7.47 6.44
CA VAL D 273 7.05 -7.08 7.83
C VAL D 273 7.98 -5.91 8.23
N TRP D 274 7.40 -4.82 8.70
CA TRP D 274 8.17 -3.65 9.07
C TRP D 274 8.65 -3.76 10.46
N ILE D 275 9.95 -3.56 10.64
CA ILE D 275 10.58 -3.58 11.97
C ILE D 275 11.30 -2.24 12.21
N ASP D 276 10.51 -1.25 12.64
CA ASP D 276 11.00 0.12 12.63
C ASP D 276 10.67 0.93 13.87
N GLY D 277 10.05 0.29 14.85
CA GLY D 277 9.66 0.97 16.07
C GLY D 277 8.74 2.16 15.83
N GLY D 278 8.15 2.20 14.63
CA GLY D 278 7.17 3.22 14.24
C GLY D 278 7.68 4.28 13.30
N GLN D 279 8.99 4.53 13.34
CA GLN D 279 9.64 5.39 12.36
C GLN D 279 9.19 4.86 11.00
N GLY D 280 8.87 5.69 10.04
CA GLY D 280 8.37 4.95 8.84
C GLY D 280 6.91 5.24 8.66
N LEU D 281 6.17 5.04 9.74
CA LEU D 281 4.92 5.77 9.91
C LEU D 281 5.20 7.28 10.08
N LEU D 282 6.47 7.59 10.33
CA LEU D 282 6.89 8.91 10.67
C LEU D 282 7.82 9.58 9.62
N ARG D 283 8.62 8.82 8.88
CA ARG D 283 9.63 9.49 8.03
C ARG D 283 9.24 9.81 6.59
#